data_8YZK
#
_entry.id   8YZK
#
_cell.length_a   1.00
_cell.length_b   1.00
_cell.length_c   1.00
_cell.angle_alpha   90.00
_cell.angle_beta   90.00
_cell.angle_gamma   90.00
#
_symmetry.space_group_name_H-M   'P 1'
#
loop_
_entity.id
_entity.type
_entity.pdbx_description
1 polymer 'Soluble cytochrome b562,G-protein coupled receptor family C group 5 member D'
2 polymer scFv
#
loop_
_entity_poly.entity_id
_entity_poly.type
_entity_poly.pdbx_seq_one_letter_code
_entity_poly.pdbx_strand_id
1 'polypeptide(L)'
;MKTIIALSYIFCLVFADYKDDDDAGRAADLEDNWETLNDNLKVIEKADNAAQVKDALTKMRAAALDAQKATPPKLEDKSP
DSPEMKDFRHGFDILVGQIDDALKLANEGKVKEAQAAAEQLKTTRNAYIQKYLMYKDCIESTGDYFLLCDAEGPWGIILE
SLAILGIVVTILLLLAFLFLMRKIQDCSQWNVLPTQLLFLLSVLGLFGLAFAFIIELNQQTAPVRYFLFGVLFALCFSCL
LAHASNLVKLVRGCVSFSWTTILCIAIGCSLLQIIIATEYVTLIMTRGMMFVNMTPCQLNVDFVVLLVYVLFLMALTFFV
SKATFCGPCENWKQHGRLIFITVLFSIIIWVVWISMLLRGNPQFQRQPQWDDPVVCIALVTNAWVFLLLYIVPELCILYR
SEFLEVLFQGPHHHHHHHHHH
;
A,B
2 'polypeptide(L)'
;MLLVNQSHQGFNKEHTSKMVSAIVLYVLLAAAAHSAFASSELTQDPAVSVALGQTVRITCQGDSLRSYYASWYQQKPGQA
PVLVIYGKNNRPSGIPDRFSGSSSGNTASLTITGAQAEDEADYYCNSRDSSGNPPVVFGGGTKLTVLGSRGGGGSGGGGS
GGGGSLEMAQVQLVESGGGLVHPGGSLRLSCAASGFTFRSHSMNWVRQAPGKGLEWVSSISSDSTYTYYADSVKGRFTIS
RDNAKNSLYLQMNSLRAEDTAVYYCARSGGQWKYYDYWGQGTLVTVSS
;
C,D
#
# COMPACT_ATOMS: atom_id res chain seq x y z
N CYS A 138 -32.23 -13.44 3.91
CA CYS A 138 -31.95 -14.81 3.51
C CYS A 138 -30.45 -15.03 3.35
N ILE A 139 -29.66 -14.42 4.22
CA ILE A 139 -28.21 -14.52 4.19
C ILE A 139 -27.74 -15.11 5.52
N GLU A 140 -26.96 -16.17 5.45
CA GLU A 140 -26.42 -16.85 6.62
C GLU A 140 -24.91 -16.65 6.69
N SER A 141 -24.29 -17.25 7.71
CA SER A 141 -22.85 -17.20 7.91
C SER A 141 -22.35 -18.63 8.04
N THR A 142 -22.06 -19.25 6.89
CA THR A 142 -21.60 -20.63 6.87
C THR A 142 -20.34 -20.75 6.02
N GLY A 143 -19.91 -21.97 5.73
CA GLY A 143 -18.75 -22.16 4.87
C GLY A 143 -19.06 -21.76 3.44
N ASP A 144 -19.87 -22.57 2.76
CA ASP A 144 -20.37 -22.23 1.43
C ASP A 144 -21.52 -23.12 1.02
N TYR A 145 -22.69 -22.53 0.74
CA TYR A 145 -23.81 -23.21 0.07
C TYR A 145 -24.26 -24.45 0.86
N PHE A 146 -24.83 -24.19 2.02
CA PHE A 146 -25.32 -25.22 2.95
C PHE A 146 -24.16 -26.11 3.41
N LEU A 147 -23.27 -25.48 4.16
CA LEU A 147 -22.07 -26.10 4.72
C LEU A 147 -22.09 -25.92 6.23
N LEU A 148 -20.95 -26.18 6.87
CA LEU A 148 -20.84 -26.05 8.31
C LEU A 148 -21.24 -24.66 8.78
N CYS A 149 -22.04 -24.60 9.84
CA CYS A 149 -22.62 -23.35 10.31
C CYS A 149 -21.60 -22.58 11.14
N ASP A 150 -22.06 -21.55 11.85
CA ASP A 150 -21.16 -20.70 12.62
C ASP A 150 -20.53 -21.48 13.77
N ALA A 151 -19.23 -21.31 13.94
CA ALA A 151 -18.48 -21.96 14.99
C ALA A 151 -18.24 -20.98 16.13
N GLU A 152 -17.63 -21.48 17.21
CA GLU A 152 -17.27 -20.71 18.39
C GLU A 152 -18.49 -20.11 19.08
N GLY A 153 -19.15 -19.16 18.41
CA GLY A 153 -20.34 -18.56 18.95
C GLY A 153 -21.34 -18.21 17.86
N PRO A 154 -22.62 -18.04 18.24
CA PRO A 154 -23.65 -17.68 17.27
C PRO A 154 -23.75 -16.17 17.02
N TRP A 155 -22.62 -15.56 16.68
CA TRP A 155 -22.57 -14.13 16.41
C TRP A 155 -23.03 -13.85 14.98
N GLY A 156 -24.20 -14.37 14.64
CA GLY A 156 -24.82 -14.16 13.34
C GLY A 156 -26.08 -13.35 13.48
N ILE A 157 -27.22 -14.06 13.54
CA ILE A 157 -28.52 -13.40 13.65
C ILE A 157 -28.61 -12.56 14.91
N ILE A 158 -27.87 -12.91 15.96
CA ILE A 158 -27.87 -12.09 17.17
C ILE A 158 -27.20 -10.74 16.97
N LEU A 159 -26.60 -10.50 15.80
CA LEU A 159 -26.20 -9.16 15.38
C LEU A 159 -26.97 -8.68 14.16
N GLU A 160 -27.41 -9.59 13.29
CA GLU A 160 -28.18 -9.20 12.12
C GLU A 160 -29.54 -8.61 12.52
N SER A 161 -30.19 -9.21 13.51
CA SER A 161 -31.48 -8.70 13.97
C SER A 161 -31.32 -7.33 14.63
N LEU A 162 -30.25 -7.15 15.41
CA LEU A 162 -29.98 -5.84 15.99
C LEU A 162 -29.68 -4.81 14.92
N ALA A 163 -28.94 -5.20 13.87
CA ALA A 163 -28.69 -4.28 12.77
C ALA A 163 -29.98 -3.92 12.04
N ILE A 164 -30.86 -4.89 11.84
CA ILE A 164 -32.13 -4.61 11.16
C ILE A 164 -33.00 -3.69 12.00
N LEU A 165 -33.05 -3.95 13.32
CA LEU A 165 -33.79 -3.06 14.21
C LEU A 165 -33.19 -1.67 14.21
N GLY A 166 -31.86 -1.57 14.19
CA GLY A 166 -31.23 -0.27 14.10
C GLY A 166 -31.56 0.46 12.82
N ILE A 167 -31.60 -0.27 11.71
CA ILE A 167 -31.95 0.34 10.42
C ILE A 167 -33.38 0.87 10.45
N VAL A 168 -34.30 0.05 10.98
CA VAL A 168 -35.71 0.46 11.00
C VAL A 168 -35.92 1.65 11.93
N VAL A 169 -35.37 1.57 13.14
CA VAL A 169 -35.55 2.64 14.10
C VAL A 169 -34.86 3.92 13.64
N THR A 170 -33.70 3.77 12.99
CA THR A 170 -33.00 4.95 12.47
C THR A 170 -33.76 5.58 11.31
N ILE A 171 -34.41 4.76 10.47
CA ILE A 171 -35.23 5.31 9.39
C ILE A 171 -36.40 6.09 9.96
N LEU A 172 -37.09 5.49 10.95
CA LEU A 172 -38.22 6.19 11.57
C LEU A 172 -37.76 7.46 12.29
N LEU A 173 -36.62 7.38 12.98
CA LEU A 173 -36.09 8.53 13.70
C LEU A 173 -35.66 9.63 12.75
N LEU A 174 -35.07 9.27 11.61
CA LEU A 174 -34.70 10.27 10.61
C LEU A 174 -35.93 10.93 10.00
N LEU A 175 -36.98 10.14 9.75
CA LEU A 175 -38.23 10.74 9.26
C LEU A 175 -38.81 11.71 10.28
N ALA A 176 -38.83 11.31 11.55
CA ALA A 176 -39.34 12.20 12.59
C ALA A 176 -38.46 13.44 12.74
N PHE A 177 -37.15 13.28 12.62
CA PHE A 177 -36.23 14.39 12.80
C PHE A 177 -36.27 15.34 11.61
N LEU A 178 -36.63 14.83 10.42
CA LEU A 178 -36.84 15.69 9.26
C LEU A 178 -38.16 16.43 9.36
N PHE A 179 -39.21 15.77 9.83
CA PHE A 179 -40.45 16.48 10.13
C PHE A 179 -40.30 17.46 11.28
N LEU A 180 -39.27 17.27 12.12
CA LEU A 180 -39.01 18.18 13.22
C LEU A 180 -38.66 19.58 12.73
N MET A 181 -38.09 19.69 11.52
CA MET A 181 -37.70 21.00 10.99
C MET A 181 -38.90 21.89 10.70
N ARG A 182 -40.07 21.29 10.45
CA ARG A 182 -41.25 22.08 10.11
C ARG A 182 -41.76 22.88 11.30
N LYS A 183 -41.70 22.29 12.50
CA LYS A 183 -42.40 22.87 13.65
C LYS A 183 -41.50 23.71 14.56
N ILE A 184 -40.18 23.59 14.45
CA ILE A 184 -39.31 24.37 15.33
C ILE A 184 -39.32 25.83 14.89
N GLN A 185 -39.49 26.74 15.86
CA GLN A 185 -39.43 28.17 15.62
C GLN A 185 -38.22 28.84 16.24
N ASP A 186 -37.55 28.19 17.18
CA ASP A 186 -36.37 28.76 17.82
C ASP A 186 -35.15 28.49 16.95
N CYS A 187 -34.47 29.56 16.53
CA CYS A 187 -33.27 29.44 15.72
C CYS A 187 -32.03 29.14 16.54
N SER A 188 -32.12 29.18 17.87
CA SER A 188 -30.97 28.86 18.71
C SER A 188 -30.57 27.39 18.58
N GLN A 189 -31.55 26.51 18.47
CA GLN A 189 -31.30 25.09 18.30
C GLN A 189 -31.48 24.61 16.87
N TRP A 190 -31.98 25.47 15.97
CA TRP A 190 -32.09 25.10 14.57
C TRP A 190 -30.73 24.98 13.89
N ASN A 191 -29.68 25.50 14.52
CA ASN A 191 -28.35 25.44 13.93
C ASN A 191 -27.77 24.02 14.00
N VAL A 192 -28.05 23.30 15.08
CA VAL A 192 -27.49 21.96 15.27
C VAL A 192 -28.28 20.88 14.53
N LEU A 193 -29.41 21.23 13.92
CA LEU A 193 -30.21 20.26 13.18
C LEU A 193 -29.44 19.56 12.07
N PRO A 194 -28.67 20.25 11.19
CA PRO A 194 -27.87 19.51 10.21
C PRO A 194 -26.82 18.61 10.82
N THR A 195 -26.20 19.01 11.93
CA THR A 195 -25.19 18.17 12.56
C THR A 195 -25.81 16.90 13.13
N GLN A 196 -26.98 17.02 13.77
CA GLN A 196 -27.67 15.84 14.24
C GLN A 196 -28.15 14.97 13.07
N LEU A 197 -28.51 15.60 11.95
CA LEU A 197 -28.90 14.84 10.76
C LEU A 197 -27.72 14.02 10.24
N LEU A 198 -26.53 14.62 10.19
CA LEU A 198 -25.36 13.86 9.75
C LEU A 198 -24.96 12.80 10.78
N PHE A 199 -25.19 13.05 12.07
CA PHE A 199 -24.98 12.00 13.06
C PHE A 199 -25.91 10.82 12.82
N LEU A 200 -27.18 11.10 12.49
CA LEU A 200 -28.12 10.04 12.19
C LEU A 200 -27.69 9.27 10.94
N LEU A 201 -27.22 9.99 9.91
CA LEU A 201 -26.74 9.32 8.70
C LEU A 201 -25.52 8.46 8.99
N SER A 202 -24.60 8.95 9.82
CA SER A 202 -23.42 8.18 10.17
C SER A 202 -23.78 6.94 10.97
N VAL A 203 -24.76 7.05 11.87
CA VAL A 203 -25.20 5.89 12.64
C VAL A 203 -25.89 4.87 11.74
N LEU A 204 -26.66 5.35 10.76
CA LEU A 204 -27.26 4.45 9.77
C LEU A 204 -26.17 3.74 8.98
N GLY A 205 -25.12 4.46 8.61
CA GLY A 205 -24.00 3.82 7.93
C GLY A 205 -23.29 2.80 8.80
N LEU A 206 -23.18 3.09 10.11
CA LEU A 206 -22.55 2.14 11.02
C LEU A 206 -23.36 0.86 11.13
N PHE A 207 -24.70 0.97 11.20
CA PHE A 207 -25.54 -0.21 11.23
C PHE A 207 -25.44 -0.99 9.92
N GLY A 208 -25.47 -0.28 8.78
CA GLY A 208 -25.36 -0.95 7.49
C GLY A 208 -24.02 -1.64 7.29
N LEU A 209 -22.95 -1.05 7.85
CA LEU A 209 -21.64 -1.68 7.78
C LEU A 209 -21.57 -2.89 8.69
N ALA A 210 -22.15 -2.79 9.90
CA ALA A 210 -22.23 -3.94 10.78
C ALA A 210 -23.00 -5.08 10.14
N PHE A 211 -23.94 -4.75 9.23
CA PHE A 211 -24.58 -5.80 8.44
C PHE A 211 -23.56 -6.52 7.57
N ALA A 212 -22.63 -5.77 6.97
CA ALA A 212 -21.63 -6.34 6.07
C ALA A 212 -20.27 -6.52 6.76
N PHE A 213 -20.28 -6.77 8.07
CA PHE A 213 -19.06 -6.95 8.85
C PHE A 213 -19.02 -8.33 9.51
N ILE A 214 -19.68 -9.32 8.91
CA ILE A 214 -19.76 -10.66 9.48
C ILE A 214 -19.40 -11.73 8.45
N ILE A 215 -19.28 -11.32 7.19
CA ILE A 215 -19.11 -12.27 6.09
C ILE A 215 -17.61 -12.54 5.94
N GLU A 216 -16.81 -11.85 6.75
CA GLU A 216 -15.35 -11.97 6.80
C GLU A 216 -14.69 -11.49 5.51
N LEU A 217 -13.36 -11.46 5.50
CA LEU A 217 -12.61 -10.87 4.39
C LEU A 217 -12.21 -11.92 3.36
N ASN A 218 -13.23 -12.42 2.65
CA ASN A 218 -13.01 -13.27 1.48
C ASN A 218 -13.83 -12.84 0.27
N GLN A 219 -14.84 -12.01 0.44
CA GLN A 219 -15.63 -11.48 -0.66
C GLN A 219 -15.05 -10.14 -1.12
N GLN A 220 -15.81 -9.41 -1.94
CA GLN A 220 -15.45 -8.07 -2.36
C GLN A 220 -15.75 -7.02 -1.29
N THR A 221 -16.08 -7.44 -0.07
CA THR A 221 -16.33 -6.54 1.04
C THR A 221 -15.08 -6.28 1.88
N ALA A 222 -13.92 -6.70 1.40
CA ALA A 222 -12.67 -6.32 2.06
C ALA A 222 -12.39 -4.82 2.00
N PRO A 223 -12.55 -4.11 0.87
CA PRO A 223 -12.28 -2.66 0.87
C PRO A 223 -13.16 -1.86 1.83
N VAL A 224 -14.44 -2.20 1.95
CA VAL A 224 -15.37 -1.35 2.71
C VAL A 224 -15.05 -1.37 4.20
N ARG A 225 -14.56 -2.50 4.69
CA ARG A 225 -14.33 -2.68 6.12
C ARG A 225 -13.26 -1.74 6.68
N TYR A 226 -12.43 -1.16 5.83
CA TYR A 226 -11.37 -0.26 6.27
C TYR A 226 -11.54 1.17 5.77
N PHE A 227 -12.60 1.44 5.01
CA PHE A 227 -12.90 2.78 4.54
C PHE A 227 -14.18 3.32 5.17
N LEU A 228 -15.28 2.56 5.08
CA LEU A 228 -16.54 3.02 5.63
C LEU A 228 -16.48 3.12 7.15
N PHE A 229 -15.80 2.18 7.80
CA PHE A 229 -15.72 2.21 9.26
C PHE A 229 -15.06 3.50 9.76
N GLY A 230 -13.88 3.80 9.24
CA GLY A 230 -13.20 5.02 9.63
C GLY A 230 -13.97 6.26 9.22
N VAL A 231 -14.54 6.26 8.01
CA VAL A 231 -15.25 7.44 7.52
C VAL A 231 -16.46 7.74 8.40
N LEU A 232 -17.23 6.72 8.75
CA LEU A 232 -18.46 6.94 9.51
C LEU A 232 -18.17 7.20 10.98
N PHE A 233 -17.14 6.56 11.55
CA PHE A 233 -16.74 6.91 12.91
C PHE A 233 -16.25 8.35 12.98
N ALA A 234 -15.45 8.79 12.01
CA ALA A 234 -15.00 10.17 11.99
C ALA A 234 -16.17 11.12 11.79
N LEU A 235 -17.13 10.74 10.94
CA LEU A 235 -18.31 11.57 10.71
C LEU A 235 -19.09 11.76 12.01
N CYS A 236 -19.34 10.66 12.73
CA CYS A 236 -20.13 10.74 13.96
C CYS A 236 -19.38 11.52 15.04
N PHE A 237 -18.10 11.22 15.24
CA PHE A 237 -17.38 11.90 16.31
C PHE A 237 -17.06 13.35 15.95
N SER A 238 -16.99 13.68 14.66
CA SER A 238 -16.85 15.07 14.26
C SER A 238 -18.16 15.82 14.41
N CYS A 239 -19.30 15.16 14.20
CA CYS A 239 -20.58 15.77 14.55
C CYS A 239 -20.67 16.03 16.05
N LEU A 240 -20.16 15.09 16.85
CA LEU A 240 -20.12 15.30 18.30
C LEU A 240 -19.23 16.49 18.65
N LEU A 241 -18.07 16.61 17.99
CA LEU A 241 -17.19 17.75 18.21
C LEU A 241 -17.85 19.05 17.78
N ALA A 242 -18.62 19.01 16.69
CA ALA A 242 -19.34 20.19 16.23
C ALA A 242 -20.37 20.64 17.26
N HIS A 243 -21.12 19.68 17.79
CA HIS A 243 -22.09 20.02 18.84
C HIS A 243 -21.38 20.54 20.08
N ALA A 244 -20.23 19.96 20.41
CA ALA A 244 -19.46 20.42 21.58
C ALA A 244 -19.00 21.85 21.40
N SER A 245 -18.50 22.18 20.20
CA SER A 245 -18.08 23.56 19.93
C SER A 245 -19.26 24.52 19.96
N ASN A 246 -20.41 24.08 19.42
CA ASN A 246 -21.61 24.90 19.49
C ASN A 246 -22.02 25.15 20.93
N LEU A 247 -21.90 24.14 21.79
CA LEU A 247 -22.19 24.33 23.20
C LEU A 247 -21.20 25.28 23.86
N VAL A 248 -19.91 25.15 23.51
CA VAL A 248 -18.89 26.05 24.05
C VAL A 248 -19.23 27.49 23.72
N LYS A 249 -19.61 27.76 22.48
CA LYS A 249 -19.89 29.11 22.03
C LYS A 249 -21.36 29.50 22.21
N LEU A 250 -22.18 28.65 22.81
CA LEU A 250 -23.55 29.01 23.17
C LEU A 250 -23.82 28.97 24.66
N VAL A 251 -22.84 28.62 25.49
CA VAL A 251 -22.99 28.66 26.93
C VAL A 251 -22.37 29.91 27.54
N ARG A 252 -21.20 30.32 27.08
CA ARG A 252 -20.47 31.42 27.69
C ARG A 252 -20.79 32.77 27.07
N GLY A 253 -22.02 32.97 26.60
CA GLY A 253 -22.51 34.28 26.22
C GLY A 253 -22.38 34.62 24.76
N CYS A 254 -21.75 33.78 23.95
CA CYS A 254 -21.59 34.06 22.54
C CYS A 254 -22.85 33.59 21.79
N VAL A 255 -22.78 33.57 20.46
CA VAL A 255 -23.91 33.27 19.61
C VAL A 255 -23.59 31.98 18.84
N SER A 256 -24.60 31.12 18.70
CA SER A 256 -24.43 29.85 18.01
C SER A 256 -24.02 30.08 16.57
N PHE A 257 -23.15 29.19 16.07
CA PHE A 257 -22.70 29.27 14.69
C PHE A 257 -23.87 29.00 13.74
N SER A 258 -23.70 29.45 12.50
CA SER A 258 -24.73 29.26 11.50
C SER A 258 -24.79 27.80 11.06
N TRP A 259 -25.73 27.50 10.18
CA TRP A 259 -25.78 26.17 9.58
C TRP A 259 -24.50 25.86 8.82
N THR A 260 -24.01 26.84 8.05
CA THR A 260 -22.78 26.65 7.28
C THR A 260 -21.61 26.29 8.18
N THR A 261 -21.44 27.02 9.28
CA THR A 261 -20.25 26.82 10.10
C THR A 261 -20.29 25.48 10.84
N ILE A 262 -21.46 25.12 11.39
CA ILE A 262 -21.55 23.87 12.13
C ILE A 262 -21.43 22.68 11.18
N LEU A 263 -21.98 22.79 9.97
CA LEU A 263 -21.82 21.70 9.01
C LEU A 263 -20.38 21.62 8.53
N CYS A 264 -19.74 22.77 8.31
CA CYS A 264 -18.36 22.78 7.84
C CYS A 264 -17.42 22.19 8.88
N ILE A 265 -17.64 22.50 10.16
CA ILE A 265 -16.79 21.91 11.19
C ILE A 265 -17.16 20.45 11.45
N ALA A 266 -18.38 20.04 11.12
CA ALA A 266 -18.72 18.62 11.21
C ALA A 266 -18.02 17.81 10.13
N ILE A 267 -17.91 18.36 8.91
CA ILE A 267 -17.29 17.61 7.82
C ILE A 267 -15.78 17.83 7.73
N GLY A 268 -15.25 18.91 8.29
CA GLY A 268 -13.83 19.18 8.17
C GLY A 268 -12.97 18.19 8.90
N CYS A 269 -13.36 17.82 10.12
CA CYS A 269 -12.62 16.81 10.86
C CYS A 269 -12.74 15.43 10.22
N SER A 270 -13.80 15.18 9.46
CA SER A 270 -13.93 13.93 8.74
C SER A 270 -13.23 13.94 7.38
N LEU A 271 -12.87 15.12 6.88
CA LEU A 271 -12.14 15.19 5.61
C LEU A 271 -10.80 14.48 5.69
N LEU A 272 -10.06 14.68 6.78
CA LEU A 272 -8.77 14.00 6.91
C LEU A 272 -8.95 12.49 6.93
N GLN A 273 -10.02 12.01 7.57
CA GLN A 273 -10.22 10.57 7.64
C GLN A 273 -10.68 9.99 6.31
N ILE A 274 -11.54 10.71 5.57
CA ILE A 274 -11.94 10.15 4.27
C ILE A 274 -10.74 10.14 3.34
N ILE A 275 -9.87 11.15 3.44
CA ILE A 275 -8.63 11.15 2.65
C ILE A 275 -7.77 9.96 3.04
N ILE A 276 -7.57 9.74 4.35
CA ILE A 276 -6.68 8.68 4.82
C ILE A 276 -7.23 7.30 4.43
N ALA A 277 -8.55 7.15 4.45
CA ALA A 277 -9.16 5.87 4.17
C ALA A 277 -9.20 5.58 2.67
N THR A 278 -9.51 6.59 1.84
CA THR A 278 -9.49 6.37 0.41
C THR A 278 -8.07 6.32 -0.13
N GLU A 279 -7.07 6.72 0.67
CA GLU A 279 -5.70 6.42 0.32
C GLU A 279 -5.35 4.98 0.64
N TYR A 280 -5.67 4.55 1.87
CA TYR A 280 -5.34 3.18 2.29
C TYR A 280 -5.98 2.15 1.38
N VAL A 281 -7.29 2.31 1.12
CA VAL A 281 -8.01 1.26 0.40
C VAL A 281 -7.49 1.11 -1.02
N THR A 282 -7.27 2.23 -1.72
CA THR A 282 -6.78 2.15 -3.10
C THR A 282 -5.35 1.67 -3.16
N LEU A 283 -4.49 2.19 -2.26
CA LEU A 283 -3.11 1.74 -2.19
C LEU A 283 -3.02 0.24 -1.98
N ILE A 284 -3.96 -0.35 -1.25
CA ILE A 284 -3.88 -1.78 -1.02
C ILE A 284 -4.49 -2.56 -2.19
N MET A 285 -5.71 -2.20 -2.61
CA MET A 285 -6.36 -3.05 -3.60
C MET A 285 -5.73 -2.89 -4.99
N THR A 286 -4.91 -1.87 -5.22
CA THR A 286 -4.31 -1.67 -6.53
C THR A 286 -2.81 -1.86 -6.52
N ARG A 287 -2.09 -1.18 -5.64
CA ARG A 287 -0.63 -1.20 -5.70
C ARG A 287 -0.06 -2.40 -4.95
N GLY A 288 -0.29 -2.48 -3.65
CA GLY A 288 0.26 -3.53 -2.82
C GLY A 288 -0.57 -4.80 -2.88
N MET A 289 -0.21 -5.73 -2.01
CA MET A 289 -0.94 -6.99 -1.92
C MET A 289 -2.35 -6.74 -1.42
N MET A 290 -3.31 -7.46 -1.99
CA MET A 290 -4.71 -7.20 -1.67
C MET A 290 -5.03 -7.70 -0.26
N PHE A 291 -6.23 -7.35 0.21
CA PHE A 291 -6.60 -7.62 1.60
C PHE A 291 -6.63 -9.10 1.94
N VAL A 292 -7.00 -9.96 0.99
CA VAL A 292 -7.30 -11.35 1.31
C VAL A 292 -6.03 -12.19 1.30
N ASN A 293 -4.88 -11.54 1.20
CA ASN A 293 -3.61 -12.25 1.33
C ASN A 293 -2.72 -11.64 2.40
N MET A 294 -3.30 -10.91 3.34
CA MET A 294 -2.60 -10.37 4.50
C MET A 294 -2.80 -11.27 5.71
N THR A 295 -1.74 -11.42 6.50
CA THR A 295 -1.84 -12.21 7.73
C THR A 295 -2.73 -11.49 8.74
N PRO A 296 -3.54 -12.24 9.50
CA PRO A 296 -4.45 -11.60 10.47
C PRO A 296 -3.72 -10.83 11.57
N CYS A 297 -2.45 -11.15 11.83
CA CYS A 297 -1.68 -10.38 12.81
C CYS A 297 -1.45 -8.94 12.37
N GLN A 298 -1.47 -8.66 11.06
CA GLN A 298 -1.38 -7.30 10.57
C GLN A 298 -2.65 -6.84 9.89
N LEU A 299 -3.62 -7.73 9.70
CA LEU A 299 -4.87 -7.43 9.00
C LEU A 299 -5.87 -6.76 9.92
N ASN A 300 -5.58 -6.69 11.22
CA ASN A 300 -6.43 -5.98 12.17
C ASN A 300 -5.63 -5.00 13.02
N VAL A 301 -4.29 -5.06 12.94
CA VAL A 301 -3.46 -3.99 13.48
C VAL A 301 -3.59 -2.73 12.65
N ASP A 302 -3.73 -2.86 11.34
CA ASP A 302 -4.02 -1.74 10.48
C ASP A 302 -5.35 -1.06 10.81
N PHE A 303 -6.26 -1.77 11.47
CA PHE A 303 -7.46 -1.11 11.99
C PHE A 303 -7.09 -0.02 12.98
N VAL A 304 -6.21 -0.34 13.94
CA VAL A 304 -5.73 0.65 14.89
C VAL A 304 -4.95 1.74 14.16
N VAL A 305 -4.10 1.33 13.21
CA VAL A 305 -3.27 2.29 12.49
C VAL A 305 -4.12 3.30 11.73
N LEU A 306 -5.24 2.83 11.18
CA LEU A 306 -6.14 3.72 10.44
C LEU A 306 -7.01 4.55 11.38
N LEU A 307 -7.39 4.01 12.52
CA LEU A 307 -8.33 4.69 13.41
C LEU A 307 -7.66 5.52 14.48
N VAL A 308 -6.34 5.67 14.46
CA VAL A 308 -5.70 6.61 15.38
C VAL A 308 -6.27 8.01 15.22
N TYR A 309 -6.67 8.39 14.01
CA TYR A 309 -7.19 9.74 13.80
C TYR A 309 -8.56 9.93 14.44
N VAL A 310 -9.46 8.94 14.29
CA VAL A 310 -10.74 9.06 14.96
C VAL A 310 -10.58 8.88 16.47
N LEU A 311 -9.52 8.20 16.91
CA LEU A 311 -9.18 8.19 18.33
C LEU A 311 -8.84 9.59 18.82
N PHE A 312 -8.04 10.33 18.05
CA PHE A 312 -7.73 11.71 18.41
C PHE A 312 -8.98 12.58 18.38
N LEU A 313 -9.88 12.33 17.42
CA LEU A 313 -11.15 13.05 17.37
C LEU A 313 -11.98 12.80 18.63
N MET A 314 -12.04 11.54 19.07
CA MET A 314 -12.74 11.21 20.31
C MET A 314 -12.10 11.90 21.51
N ALA A 315 -10.77 11.91 21.56
CA ALA A 315 -10.08 12.54 22.68
C ALA A 315 -10.35 14.04 22.71
N LEU A 316 -10.35 14.69 21.54
CA LEU A 316 -10.67 16.10 21.47
C LEU A 316 -12.11 16.36 21.92
N THR A 317 -13.05 15.52 21.50
CA THR A 317 -14.43 15.69 21.93
C THR A 317 -14.56 15.55 23.44
N PHE A 318 -13.88 14.55 24.02
CA PHE A 318 -13.92 14.34 25.46
C PHE A 318 -13.33 15.54 26.19
N PHE A 319 -12.19 16.05 25.73
CA PHE A 319 -11.57 17.18 26.40
C PHE A 319 -12.43 18.44 26.29
N VAL A 320 -13.07 18.66 25.14
CA VAL A 320 -13.90 19.85 24.98
C VAL A 320 -15.13 19.76 25.89
N SER A 321 -15.78 18.60 25.92
CA SER A 321 -16.95 18.46 26.78
C SER A 321 -16.59 18.44 28.25
N LYS A 322 -15.35 18.10 28.60
CA LYS A 322 -14.90 18.26 29.97
C LYS A 322 -14.62 19.72 30.30
N ALA A 323 -14.05 20.46 29.36
CA ALA A 323 -13.76 21.87 29.57
C ALA A 323 -15.03 22.71 29.58
N THR A 324 -16.14 22.19 29.05
CA THR A 324 -17.42 22.90 29.12
C THR A 324 -17.95 23.06 30.54
N PHE A 325 -17.22 22.58 31.55
CA PHE A 325 -17.72 22.64 32.92
C PHE A 325 -17.87 24.09 33.39
N CYS A 326 -16.90 24.94 33.07
CA CYS A 326 -16.94 26.34 33.48
C CYS A 326 -17.84 27.09 32.51
N GLY A 327 -19.14 27.13 32.85
CA GLY A 327 -20.11 27.81 32.02
C GLY A 327 -21.27 28.35 32.83
N PRO A 328 -21.62 29.62 32.63
CA PRO A 328 -22.71 30.20 33.41
C PRO A 328 -24.09 29.72 32.99
N CYS A 329 -24.34 29.64 31.68
CA CYS A 329 -25.65 29.21 31.21
C CYS A 329 -25.86 27.72 31.45
N GLU A 330 -27.07 27.36 31.85
CA GLU A 330 -27.40 25.99 32.20
C GLU A 330 -28.38 25.33 31.23
N ASN A 331 -29.01 26.10 30.34
CA ASN A 331 -29.95 25.53 29.39
C ASN A 331 -29.29 24.64 28.35
N TRP A 332 -27.96 24.71 28.21
CA TRP A 332 -27.23 23.86 27.28
C TRP A 332 -26.24 22.95 27.97
N LYS A 333 -26.07 23.06 29.29
CA LYS A 333 -25.10 22.23 29.99
C LYS A 333 -25.54 20.76 30.07
N GLN A 334 -26.85 20.50 29.99
CA GLN A 334 -27.30 19.11 29.92
C GLN A 334 -26.87 18.45 28.60
N HIS A 335 -26.82 19.22 27.51
CA HIS A 335 -26.25 18.67 26.28
C HIS A 335 -24.76 18.39 26.45
N GLY A 336 -24.06 19.26 27.17
CA GLY A 336 -22.65 19.02 27.44
C GLY A 336 -22.42 17.75 28.24
N ARG A 337 -23.24 17.52 29.27
CA ARG A 337 -23.10 16.29 30.02
C ARG A 337 -23.56 15.08 29.22
N LEU A 338 -24.50 15.27 28.28
CA LEU A 338 -24.87 14.20 27.36
C LEU A 338 -23.68 13.78 26.51
N ILE A 339 -22.97 14.76 25.94
CA ILE A 339 -21.79 14.45 25.14
C ILE A 339 -20.71 13.82 26.00
N PHE A 340 -20.56 14.32 27.23
CA PHE A 340 -19.56 13.77 28.13
C PHE A 340 -19.83 12.29 28.42
N ILE A 341 -21.09 11.95 28.72
CA ILE A 341 -21.44 10.57 29.00
C ILE A 341 -21.25 9.70 27.76
N THR A 342 -21.67 10.20 26.59
CA THR A 342 -21.56 9.41 25.37
C THR A 342 -20.10 9.14 25.03
N VAL A 343 -19.24 10.15 25.13
CA VAL A 343 -17.84 9.96 24.79
C VAL A 343 -17.13 9.12 25.86
N LEU A 344 -17.53 9.24 27.13
CA LEU A 344 -16.95 8.37 28.15
C LEU A 344 -17.29 6.92 27.87
N PHE A 345 -18.55 6.65 27.52
CA PHE A 345 -18.95 5.29 27.16
C PHE A 345 -18.22 4.81 25.92
N SER A 346 -18.04 5.69 24.93
CA SER A 346 -17.40 5.30 23.68
C SER A 346 -15.88 5.36 23.73
N ILE A 347 -15.29 5.76 24.85
CA ILE A 347 -13.85 5.63 25.04
C ILE A 347 -13.60 4.41 25.91
N ILE A 348 -14.58 4.05 26.75
CA ILE A 348 -14.52 2.78 27.46
C ILE A 348 -14.72 1.62 26.49
N ILE A 349 -15.60 1.81 25.50
CA ILE A 349 -15.85 0.79 24.48
C ILE A 349 -14.62 0.56 23.62
N TRP A 350 -13.66 1.49 23.66
CA TRP A 350 -12.47 1.44 22.84
C TRP A 350 -11.21 1.08 23.60
N VAL A 351 -11.15 1.38 24.91
CA VAL A 351 -9.96 1.12 25.70
C VAL A 351 -9.72 -0.37 25.88
N VAL A 352 -10.72 -1.21 25.62
CA VAL A 352 -10.60 -2.66 25.76
C VAL A 352 -10.57 -3.35 24.41
N TRP A 353 -11.50 -3.03 23.52
CA TRP A 353 -11.68 -3.82 22.30
C TRP A 353 -10.48 -3.72 21.38
N ILE A 354 -9.94 -2.51 21.18
CA ILE A 354 -8.67 -2.37 20.46
C ILE A 354 -7.56 -3.06 21.23
N SER A 355 -7.51 -2.84 22.54
CA SER A 355 -6.54 -3.53 23.37
C SER A 355 -6.75 -5.03 23.34
N MET A 356 -8.01 -5.48 23.29
CA MET A 356 -8.28 -6.91 23.20
C MET A 356 -7.70 -7.50 21.91
N LEU A 357 -8.00 -6.88 20.77
CA LEU A 357 -7.50 -7.39 19.49
C LEU A 357 -5.98 -7.36 19.44
N LEU A 358 -5.36 -6.35 20.06
CA LEU A 358 -3.90 -6.25 20.01
C LEU A 358 -3.22 -7.21 20.98
N ARG A 359 -3.83 -7.53 22.11
CA ARG A 359 -3.13 -8.19 23.19
C ARG A 359 -3.73 -9.56 23.53
N GLY A 360 -5.03 -9.63 23.77
CA GLY A 360 -5.61 -10.79 24.42
C GLY A 360 -5.94 -11.95 23.50
N ASN A 361 -6.47 -11.65 22.32
CA ASN A 361 -6.79 -12.70 21.36
C ASN A 361 -5.59 -13.59 21.01
N PRO A 362 -4.38 -13.08 20.81
CA PRO A 362 -3.23 -14.02 20.70
C PRO A 362 -3.01 -14.85 21.95
N GLN A 363 -3.26 -14.29 23.14
CA GLN A 363 -3.07 -15.06 24.37
C GLN A 363 -4.28 -15.93 24.70
N PHE A 364 -5.47 -15.51 24.30
CA PHE A 364 -6.68 -16.26 24.60
C PHE A 364 -7.01 -17.32 23.55
N GLN A 365 -6.15 -17.47 22.54
CA GLN A 365 -6.40 -18.37 21.41
C GLN A 365 -7.73 -18.07 20.75
N ARG A 366 -8.03 -16.78 20.62
CA ARG A 366 -9.30 -16.29 20.13
C ARG A 366 -9.12 -15.50 18.84
N GLN A 367 -8.25 -15.99 17.95
CA GLN A 367 -8.03 -15.33 16.68
C GLN A 367 -7.69 -16.38 15.63
N PRO A 368 -8.13 -16.17 14.39
CA PRO A 368 -9.07 -15.13 13.95
C PRO A 368 -10.52 -15.58 14.06
N GLN A 369 -10.89 -16.21 15.18
CA GLN A 369 -12.29 -16.57 15.41
C GLN A 369 -13.04 -15.48 16.18
N TRP A 370 -12.44 -14.92 17.21
CA TRP A 370 -12.95 -13.74 17.90
C TRP A 370 -12.33 -12.46 17.37
N ASP A 371 -12.00 -12.43 16.08
CA ASP A 371 -11.37 -11.27 15.45
C ASP A 371 -12.41 -10.33 14.86
N ASP A 372 -13.23 -10.84 13.95
CA ASP A 372 -14.30 -10.11 13.29
C ASP A 372 -15.58 -10.00 14.12
N PRO A 373 -16.06 -11.07 14.79
CA PRO A 373 -17.28 -10.90 15.60
C PRO A 373 -17.18 -9.86 16.70
N VAL A 374 -16.01 -9.72 17.36
CA VAL A 374 -15.92 -8.70 18.40
C VAL A 374 -15.92 -7.30 17.79
N VAL A 375 -15.35 -7.14 16.59
CA VAL A 375 -15.42 -5.86 15.90
C VAL A 375 -16.85 -5.52 15.55
N CYS A 376 -17.60 -6.50 15.04
CA CYS A 376 -19.01 -6.24 14.70
C CYS A 376 -19.84 -5.98 15.96
N ILE A 377 -19.52 -6.66 17.06
CA ILE A 377 -20.21 -6.42 18.33
C ILE A 377 -19.98 -4.99 18.80
N ALA A 378 -18.72 -4.55 18.77
CA ALA A 378 -18.39 -3.19 19.16
C ALA A 378 -19.06 -2.18 18.25
N LEU A 379 -19.09 -2.46 16.94
CA LEU A 379 -19.74 -1.56 16.00
C LEU A 379 -21.23 -1.42 16.29
N VAL A 380 -21.92 -2.54 16.47
CA VAL A 380 -23.37 -2.47 16.61
C VAL A 380 -23.75 -1.88 17.97
N THR A 381 -22.99 -2.18 19.02
CA THR A 381 -23.32 -1.58 20.31
C THR A 381 -22.89 -0.11 20.38
N ASN A 382 -21.89 0.31 19.59
CA ASN A 382 -21.58 1.74 19.51
C ASN A 382 -22.67 2.48 18.74
N ALA A 383 -23.17 1.87 17.67
CA ALA A 383 -24.31 2.46 16.96
C ALA A 383 -25.52 2.57 17.87
N TRP A 384 -25.76 1.55 18.70
CA TRP A 384 -26.91 1.58 19.59
C TRP A 384 -26.73 2.59 20.72
N VAL A 385 -25.51 2.71 21.28
CA VAL A 385 -25.32 3.69 22.35
C VAL A 385 -25.41 5.10 21.77
N PHE A 386 -25.02 5.28 20.51
CA PHE A 386 -25.23 6.57 19.86
C PHE A 386 -26.70 6.87 19.68
N LEU A 387 -27.45 5.92 19.11
CA LEU A 387 -28.85 6.16 18.82
C LEU A 387 -29.72 6.27 20.08
N LEU A 388 -29.33 5.61 21.17
CA LEU A 388 -30.16 5.55 22.37
C LEU A 388 -29.66 6.46 23.49
N LEU A 389 -28.36 6.43 23.79
CA LEU A 389 -27.81 7.24 24.87
C LEU A 389 -27.68 8.71 24.49
N TYR A 390 -27.65 9.04 23.20
CA TYR A 390 -27.49 10.42 22.76
C TYR A 390 -28.71 10.95 22.03
N ILE A 391 -29.14 10.29 20.95
CA ILE A 391 -30.19 10.86 20.12
C ILE A 391 -31.54 10.83 20.84
N VAL A 392 -31.82 9.76 21.59
CA VAL A 392 -33.06 9.71 22.36
C VAL A 392 -33.12 10.80 23.41
N PRO A 393 -32.11 10.99 24.27
CA PRO A 393 -32.18 12.15 25.18
C PRO A 393 -32.16 13.48 24.46
N GLU A 394 -31.47 13.59 23.32
CA GLU A 394 -31.48 14.84 22.57
C GLU A 394 -32.88 15.19 22.09
N LEU A 395 -33.61 14.19 21.58
CA LEU A 395 -35.00 14.39 21.25
C LEU A 395 -35.88 14.54 22.48
N CYS A 396 -35.41 14.11 23.65
CA CYS A 396 -36.15 14.33 24.88
C CYS A 396 -36.07 15.78 25.36
N ILE A 397 -34.90 16.42 25.27
CA ILE A 397 -34.77 17.81 25.67
C ILE A 397 -35.01 18.78 24.52
N LEU A 398 -35.16 18.28 23.30
CA LEU A 398 -35.60 19.09 22.17
C LEU A 398 -36.92 18.52 21.69
N TYR A 399 -37.82 18.28 22.64
CA TYR A 399 -39.02 17.48 22.43
C TYR A 399 -39.95 18.11 21.40
N ARG A 400 -40.94 17.32 20.99
CA ARG A 400 -42.00 17.75 20.10
C ARG A 400 -43.23 18.15 20.92
N SER A 401 -43.79 19.31 20.62
CA SER A 401 -44.93 19.81 21.37
C SER A 401 -46.17 19.92 20.48
N PHE B 37 -24.40 -40.73 15.11
CA PHE B 37 -23.17 -40.03 14.79
C PHE B 37 -21.98 -40.67 15.49
N ALA B 38 -21.84 -41.98 15.33
CA ALA B 38 -20.75 -42.73 15.93
C ALA B 38 -20.00 -43.50 14.85
N SER B 39 -18.67 -43.39 14.85
CA SER B 39 -17.81 -44.06 13.89
C SER B 39 -18.20 -43.77 12.46
N SER B 40 -18.83 -44.75 11.80
CA SER B 40 -19.33 -44.59 10.44
C SER B 40 -20.79 -45.00 10.42
N GLU B 41 -21.69 -44.04 10.14
CA GLU B 41 -23.11 -44.35 10.11
C GLU B 41 -23.49 -45.11 8.84
N LEU B 42 -22.90 -44.75 7.71
CA LEU B 42 -23.20 -45.40 6.44
C LEU B 42 -22.35 -46.64 6.24
N CYS B 60 -23.50 -47.72 1.43
CA CYS B 60 -23.56 -46.37 1.95
C CYS B 60 -25.00 -45.97 2.30
N GLN B 61 -25.73 -46.90 2.90
CA GLN B 61 -27.11 -46.64 3.27
C GLN B 61 -27.19 -45.78 4.52
N GLY B 62 -28.24 -44.96 4.58
CA GLY B 62 -28.50 -44.11 5.72
C GLY B 62 -29.90 -43.54 5.72
N ASP B 63 -30.60 -43.63 6.84
CA ASP B 63 -31.98 -43.18 6.91
C ASP B 63 -32.08 -41.69 7.23
N SER B 64 -31.34 -40.88 6.46
CA SER B 64 -31.46 -39.43 6.53
C SER B 64 -31.22 -38.80 5.16
N LEU B 65 -31.51 -39.53 4.08
CA LEU B 65 -31.12 -39.10 2.74
C LEU B 65 -31.80 -37.82 2.32
N ARG B 66 -33.09 -37.67 2.65
CA ARG B 66 -33.83 -36.48 2.24
C ARG B 66 -33.71 -35.37 3.28
N SER B 67 -32.48 -35.09 3.71
CA SER B 67 -32.18 -33.91 4.50
C SER B 67 -30.83 -33.28 4.18
N TYR B 68 -30.09 -33.83 3.22
CA TYR B 68 -28.79 -33.29 2.83
C TYR B 68 -28.42 -33.87 1.47
N TYR B 69 -27.16 -33.66 1.07
CA TYR B 69 -26.62 -34.24 -0.15
C TYR B 69 -25.22 -34.78 0.14
N ALA B 70 -24.90 -35.93 -0.45
CA ALA B 70 -23.63 -36.61 -0.20
C ALA B 70 -22.85 -36.72 -1.51
N SER B 71 -21.68 -37.38 -1.43
CA SER B 71 -20.79 -37.55 -2.56
C SER B 71 -20.23 -38.97 -2.54
N TRP B 72 -19.39 -39.27 -3.53
CA TRP B 72 -18.74 -40.56 -3.66
C TRP B 72 -17.26 -40.35 -3.96
N TYR B 73 -16.45 -41.33 -3.57
CA TYR B 73 -15.01 -41.23 -3.74
C TYR B 73 -14.44 -42.55 -4.25
N GLN B 74 -13.29 -42.44 -4.93
CA GLN B 74 -12.51 -43.59 -5.36
C GLN B 74 -11.04 -43.31 -5.06
N GLN B 75 -10.33 -44.33 -4.59
CA GLN B 75 -8.96 -44.15 -4.11
C GLN B 75 -8.08 -45.28 -4.62
N LYS B 76 -7.06 -44.92 -5.39
CA LYS B 76 -6.03 -45.87 -5.75
C LYS B 76 -5.17 -46.18 -4.52
N PRO B 77 -4.69 -47.42 -4.38
CA PRO B 77 -3.96 -47.78 -3.17
C PRO B 77 -2.63 -47.04 -3.07
N GLY B 78 -2.30 -46.62 -1.85
CA GLY B 78 -1.10 -45.83 -1.63
C GLY B 78 -1.15 -44.44 -2.22
N GLN B 79 -2.34 -43.91 -2.50
CA GLN B 79 -2.47 -42.61 -3.12
C GLN B 79 -3.65 -41.87 -2.50
N ALA B 80 -3.61 -40.54 -2.64
CA ALA B 80 -4.70 -39.72 -2.14
C ALA B 80 -5.97 -39.97 -2.95
N PRO B 81 -7.14 -39.95 -2.32
CA PRO B 81 -8.37 -40.26 -3.04
C PRO B 81 -8.82 -39.13 -3.95
N VAL B 82 -9.59 -39.50 -4.97
CA VAL B 82 -10.17 -38.56 -5.92
C VAL B 82 -11.67 -38.78 -5.97
N LEU B 83 -12.44 -37.70 -5.94
CA LEU B 83 -13.90 -37.80 -5.97
C LEU B 83 -14.37 -38.35 -7.32
N VAL B 84 -15.47 -39.09 -7.28
CA VAL B 84 -16.02 -39.72 -8.48
C VAL B 84 -17.14 -38.87 -9.05
N ILE B 85 -18.21 -38.69 -8.28
CA ILE B 85 -19.37 -37.93 -8.71
C ILE B 85 -19.79 -36.99 -7.58
N TYR B 86 -19.89 -35.70 -7.89
CA TYR B 86 -20.34 -34.70 -6.93
C TYR B 86 -21.84 -34.55 -7.03
N GLY B 87 -22.52 -34.66 -5.90
CA GLY B 87 -23.97 -34.55 -5.86
C GLY B 87 -24.67 -35.77 -6.44
N ASN B 106 -32.96 -43.60 0.07
CA ASN B 106 -32.38 -43.79 1.39
C ASN B 106 -31.00 -44.45 1.30
N THR B 107 -30.59 -44.78 0.08
CA THR B 107 -29.31 -45.42 -0.14
C THR B 107 -28.55 -44.75 -1.29
N TYR B 124 -13.73 -44.84 -1.07
CA TYR B 124 -14.62 -44.76 0.08
C TYR B 124 -15.88 -43.97 -0.27
N CYS B 125 -16.78 -43.86 0.70
CA CYS B 125 -18.02 -43.10 0.56
C CYS B 125 -17.94 -41.83 1.40
N ASN B 126 -19.03 -41.07 1.38
CA ASN B 126 -19.12 -39.84 2.14
C ASN B 126 -20.56 -39.61 2.55
N SER B 127 -20.75 -38.83 3.62
CA SER B 127 -22.09 -38.57 4.14
C SER B 127 -22.07 -37.25 4.89
N ARG B 128 -22.56 -36.20 4.24
CA ARG B 128 -22.81 -34.94 4.92
C ARG B 128 -23.98 -35.11 5.89
N ASP B 129 -23.84 -34.57 7.09
CA ASP B 129 -24.89 -34.63 8.10
C ASP B 129 -25.00 -33.29 8.80
N SER B 130 -25.90 -33.20 9.78
CA SER B 130 -26.24 -31.96 10.46
C SER B 130 -26.17 -32.13 11.97
N SER B 131 -25.05 -32.68 12.45
CA SER B 131 -24.88 -32.95 13.87
C SER B 131 -24.28 -31.79 14.65
N GLY B 132 -23.99 -30.66 14.00
CA GLY B 132 -23.33 -29.55 14.67
C GLY B 132 -21.83 -29.77 14.74
N ASN B 133 -21.43 -30.89 15.32
CA ASN B 133 -20.05 -31.37 15.20
C ASN B 133 -19.77 -31.65 13.73
N PRO B 134 -18.51 -31.59 13.30
CA PRO B 134 -18.24 -31.51 11.86
C PRO B 134 -18.54 -32.83 11.16
N PRO B 135 -19.66 -32.90 10.46
CA PRO B 135 -20.23 -34.16 9.96
C PRO B 135 -19.80 -34.54 8.54
N VAL B 136 -18.55 -34.96 8.39
CA VAL B 136 -18.08 -35.62 7.18
C VAL B 136 -17.34 -36.87 7.61
N VAL B 137 -17.87 -38.04 7.23
CA VAL B 137 -17.28 -39.32 7.59
C VAL B 137 -17.24 -40.19 6.34
N PHE B 138 -16.36 -41.19 6.37
CA PHE B 138 -16.15 -42.07 5.23
C PHE B 138 -16.35 -43.53 5.62
N VAL B 171 -1.57 -25.65 -7.61
CA VAL B 171 -2.25 -26.81 -8.16
C VAL B 171 -1.74 -28.08 -7.49
N GLN B 172 -0.72 -27.93 -6.64
CA GLN B 172 -0.13 -29.05 -5.92
C GLN B 172 -0.01 -28.68 -4.45
N LEU B 173 -0.13 -29.69 -3.60
CA LEU B 173 -0.04 -29.52 -2.16
C LEU B 173 1.00 -30.48 -1.59
N VAL B 174 1.90 -29.96 -0.77
CA VAL B 174 2.91 -30.77 -0.10
C VAL B 174 2.87 -30.47 1.39
N GLU B 175 3.25 -31.45 2.19
CA GLU B 175 3.21 -31.36 3.64
C GLU B 175 4.63 -31.43 4.20
N SER B 176 4.79 -30.94 5.42
CA SER B 176 6.09 -30.83 6.07
C SER B 176 6.02 -31.38 7.48
N GLY B 177 7.17 -31.81 7.98
CA GLY B 177 7.29 -32.33 9.32
C GLY B 177 8.07 -33.64 9.38
N GLY B 178 9.14 -33.65 10.16
CA GLY B 178 9.98 -34.84 10.25
C GLY B 178 10.56 -35.09 11.63
N GLY B 179 9.99 -34.45 12.65
CA GLY B 179 10.51 -34.59 13.99
C GLY B 179 10.23 -35.96 14.59
N LEU B 180 11.09 -36.36 15.52
CA LEU B 180 10.95 -37.61 16.26
C LEU B 180 10.82 -37.24 17.74
N VAL B 181 9.57 -37.03 18.17
CA VAL B 181 9.28 -36.52 19.50
C VAL B 181 8.71 -37.66 20.34
N HIS B 182 9.18 -37.74 21.59
CA HIS B 182 8.72 -38.76 22.51
C HIS B 182 7.26 -38.50 22.89
N PRO B 183 6.54 -39.55 23.32
CA PRO B 183 5.14 -39.35 23.73
C PRO B 183 5.04 -38.35 24.88
N GLY B 184 3.97 -37.56 24.84
CA GLY B 184 3.82 -36.44 25.76
C GLY B 184 4.49 -35.17 25.31
N GLY B 185 5.20 -35.19 24.19
CA GLY B 185 5.87 -34.02 23.65
C GLY B 185 5.01 -33.25 22.68
N SER B 186 5.66 -32.39 21.89
CA SER B 186 4.99 -31.52 20.94
C SER B 186 5.69 -31.58 19.59
N LEU B 187 4.89 -31.44 18.53
CA LEU B 187 5.41 -31.36 17.17
C LEU B 187 4.45 -30.52 16.34
N ARG B 188 4.97 -29.91 15.28
CA ARG B 188 4.20 -29.02 14.44
C ARG B 188 4.14 -29.58 13.03
N LEU B 189 2.93 -29.66 12.47
CA LEU B 189 2.71 -30.09 11.10
C LEU B 189 2.53 -28.87 10.20
N SER B 190 2.63 -29.11 8.89
CA SER B 190 2.54 -28.03 7.93
C SER B 190 2.03 -28.56 6.60
N CYS B 191 1.52 -27.65 5.77
CA CYS B 191 1.07 -27.99 4.42
C CYS B 191 1.26 -26.77 3.54
N ALA B 192 2.28 -26.82 2.69
CA ALA B 192 2.58 -25.73 1.76
C ALA B 192 1.98 -26.03 0.39
N ALA B 193 1.42 -25.01 -0.23
CA ALA B 193 0.79 -25.18 -1.54
C ALA B 193 0.88 -23.87 -2.31
N SER B 194 0.74 -23.98 -3.63
CA SER B 194 0.80 -22.83 -4.51
C SER B 194 0.08 -23.18 -5.81
N GLY B 195 0.13 -22.26 -6.77
CA GLY B 195 -0.49 -22.49 -8.05
C GLY B 195 -2.01 -22.42 -8.05
N PHE B 196 -2.62 -21.91 -6.99
CA PHE B 196 -4.06 -21.80 -6.91
C PHE B 196 -4.42 -20.71 -5.92
N THR B 197 -5.66 -20.25 -6.01
CA THR B 197 -6.15 -19.17 -5.15
C THR B 197 -6.40 -19.72 -3.75
N PHE B 198 -5.54 -19.35 -2.80
CA PHE B 198 -5.67 -19.84 -1.43
C PHE B 198 -6.97 -19.34 -0.80
N ARG B 199 -7.28 -18.06 -0.98
CA ARG B 199 -8.47 -17.45 -0.38
C ARG B 199 -9.66 -17.52 -1.34
N SER B 200 -9.99 -18.75 -1.75
CA SER B 200 -11.11 -18.96 -2.65
C SER B 200 -12.01 -20.12 -2.27
N HIS B 201 -11.59 -21.01 -1.37
CA HIS B 201 -12.39 -22.16 -0.99
C HIS B 201 -11.99 -22.60 0.40
N SER B 202 -12.44 -23.79 0.80
CA SER B 202 -12.11 -24.37 2.09
C SER B 202 -11.14 -25.53 1.91
N MET B 203 -10.33 -25.78 2.93
CA MET B 203 -9.34 -26.84 2.91
C MET B 203 -9.43 -27.65 4.19
N ASN B 204 -9.07 -28.93 4.10
CA ASN B 204 -9.34 -29.90 5.15
C ASN B 204 -8.07 -30.69 5.48
N TRP B 205 -7.72 -30.72 6.77
CA TRP B 205 -6.81 -31.73 7.27
C TRP B 205 -7.55 -33.06 7.38
N VAL B 206 -6.95 -34.13 6.87
CA VAL B 206 -7.54 -35.47 6.96
C VAL B 206 -6.45 -36.46 7.35
N ARG B 207 -6.78 -37.36 8.27
CA ARG B 207 -5.83 -38.35 8.77
C ARG B 207 -6.11 -39.71 8.14
N GLN B 208 -5.03 -40.45 7.88
CA GLN B 208 -5.11 -41.74 7.21
C GLN B 208 -4.79 -42.84 8.20
N ALA B 209 -5.70 -43.80 8.35
CA ALA B 209 -5.50 -44.94 9.22
C ALA B 209 -5.78 -46.23 8.45
N PRO B 210 -5.04 -47.30 8.74
CA PRO B 210 -5.33 -48.58 8.08
C PRO B 210 -6.70 -49.11 8.48
N GLY B 211 -7.32 -49.86 7.57
CA GLY B 211 -8.64 -50.39 7.82
C GLY B 211 -9.75 -49.50 7.27
N LYS B 212 -10.32 -48.66 8.14
CA LYS B 212 -11.40 -47.77 7.73
C LYS B 212 -10.93 -46.79 6.65
N GLY B 213 -9.73 -46.24 6.81
CA GLY B 213 -9.20 -45.34 5.81
C GLY B 213 -8.95 -43.94 6.32
N LEU B 214 -9.75 -42.98 5.83
CA LEU B 214 -9.56 -41.57 6.11
C LEU B 214 -10.52 -41.10 7.19
N GLU B 215 -10.04 -40.22 8.07
CA GLU B 215 -10.86 -39.63 9.12
C GLU B 215 -10.61 -38.13 9.15
N TRP B 216 -11.66 -37.38 9.53
CA TRP B 216 -11.60 -35.93 9.44
C TRP B 216 -10.77 -35.34 10.58
N VAL B 217 -10.08 -34.25 10.27
CA VAL B 217 -9.34 -33.44 11.22
C VAL B 217 -9.84 -32.02 11.01
N SER B 218 -9.22 -31.03 11.66
CA SER B 218 -9.67 -29.65 11.57
C SER B 218 -9.70 -29.16 10.12
N SER B 219 -10.66 -28.28 9.84
CA SER B 219 -11.08 -27.95 8.47
C SER B 219 -11.20 -26.44 8.29
N ILE B 220 -10.12 -25.71 8.60
CA ILE B 220 -10.07 -24.25 8.50
C ILE B 220 -10.53 -23.79 7.11
N SER B 221 -11.17 -22.61 7.06
CA SER B 221 -11.82 -22.17 5.85
C SER B 221 -11.77 -20.65 5.77
N SER B 222 -12.10 -20.13 4.58
CA SER B 222 -12.11 -18.70 4.28
C SER B 222 -10.75 -18.07 4.61
N ASP B 223 -10.72 -17.21 5.61
CA ASP B 223 -9.46 -16.69 6.15
C ASP B 223 -9.44 -16.96 7.65
N SER B 224 -9.10 -18.20 8.01
CA SER B 224 -8.87 -18.62 9.40
C SER B 224 -10.01 -18.19 10.34
N THR B 225 -11.24 -18.27 9.85
CA THR B 225 -12.40 -17.81 10.61
C THR B 225 -13.38 -18.94 10.94
N TYR B 226 -13.02 -20.19 10.65
CA TYR B 226 -13.92 -21.32 10.90
C TYR B 226 -13.05 -22.51 11.28
N THR B 227 -12.90 -22.75 12.57
CA THR B 227 -12.05 -23.84 13.08
C THR B 227 -12.96 -24.96 13.55
N TYR B 228 -13.18 -25.95 12.68
CA TYR B 228 -13.94 -27.15 13.03
C TYR B 228 -12.96 -28.28 13.34
N TYR B 229 -12.39 -28.21 14.54
CA TYR B 229 -11.49 -29.27 14.97
C TYR B 229 -12.26 -30.58 15.16
N ALA B 230 -11.56 -31.69 14.96
CA ALA B 230 -12.20 -33.00 15.01
C ALA B 230 -12.62 -33.34 16.43
N ASP B 231 -13.64 -34.21 16.54
CA ASP B 231 -14.18 -34.59 17.83
C ASP B 231 -13.14 -35.34 18.67
N SER B 232 -12.38 -36.23 18.04
CA SER B 232 -11.41 -37.05 18.75
C SER B 232 -10.10 -36.31 19.02
N VAL B 233 -9.94 -35.08 18.54
CA VAL B 233 -8.70 -34.33 18.70
C VAL B 233 -8.93 -32.93 19.26
N LYS B 234 -10.18 -32.54 19.51
CA LYS B 234 -10.50 -31.19 19.96
C LYS B 234 -9.82 -30.87 21.29
N GLY B 235 -8.87 -29.94 21.25
CA GLY B 235 -8.08 -29.58 22.42
C GLY B 235 -6.59 -29.85 22.25
N ARG B 236 -6.20 -30.70 21.29
CA ARG B 236 -4.80 -31.00 21.06
C ARG B 236 -4.29 -30.54 19.71
N PHE B 237 -5.17 -30.17 18.78
CA PHE B 237 -4.78 -29.72 17.45
C PHE B 237 -5.28 -28.30 17.24
N THR B 238 -4.38 -27.41 16.85
CA THR B 238 -4.70 -26.02 16.52
C THR B 238 -4.43 -25.80 15.04
N ILE B 239 -5.46 -25.36 14.32
CA ILE B 239 -5.36 -25.14 12.89
C ILE B 239 -5.46 -23.65 12.59
N SER B 240 -4.89 -23.25 11.46
CA SER B 240 -4.94 -21.86 11.00
C SER B 240 -4.63 -21.83 9.52
N ARG B 241 -5.14 -20.80 8.85
CA ARG B 241 -4.91 -20.57 7.43
C ARG B 241 -4.13 -19.27 7.27
N ASP B 242 -2.99 -19.33 6.59
CA ASP B 242 -2.17 -18.16 6.32
C ASP B 242 -2.15 -17.93 4.82
N ASN B 243 -2.82 -16.86 4.38
CA ASN B 243 -2.95 -16.56 2.97
C ASN B 243 -1.78 -15.77 2.40
N ALA B 244 -0.79 -15.41 3.24
CA ALA B 244 0.35 -14.65 2.75
C ALA B 244 1.33 -15.54 2.00
N LYS B 245 1.90 -16.52 2.68
CA LYS B 245 2.78 -17.50 2.06
C LYS B 245 2.04 -18.72 1.56
N ASN B 246 0.71 -18.73 1.65
CA ASN B 246 -0.14 -19.81 1.15
C ASN B 246 0.23 -21.15 1.80
N SER B 247 0.18 -21.16 3.13
CA SER B 247 0.55 -22.33 3.91
C SER B 247 -0.50 -22.64 4.95
N LEU B 248 -0.60 -23.91 5.31
CA LEU B 248 -1.49 -24.39 6.35
C LEU B 248 -0.68 -25.13 7.41
N TYR B 249 -0.94 -24.84 8.67
CA TYR B 249 -0.17 -25.40 9.77
C TYR B 249 -1.05 -26.22 10.70
N LEU B 250 -0.40 -26.99 11.56
CA LEU B 250 -1.08 -27.82 12.54
C LEU B 250 -0.14 -28.04 13.72
N GLN B 251 -0.64 -27.81 14.94
CA GLN B 251 0.15 -27.94 16.14
C GLN B 251 -0.26 -29.22 16.86
N MET B 252 0.60 -30.23 16.77
CA MET B 252 0.36 -31.52 17.43
C MET B 252 1.07 -31.56 18.78
N ASN B 253 0.75 -30.59 19.63
CA ASN B 253 1.29 -30.60 20.99
C ASN B 253 0.52 -31.61 21.84
N SER B 254 1.15 -31.99 22.96
CA SER B 254 0.65 -33.05 23.84
C SER B 254 0.42 -34.34 23.05
N LEU B 255 1.51 -34.89 22.54
CA LEU B 255 1.45 -36.03 21.65
C LEU B 255 0.89 -37.26 22.37
N ARG B 256 0.10 -38.03 21.64
CA ARG B 256 -0.50 -39.26 22.14
C ARG B 256 0.11 -40.46 21.46
N ALA B 257 0.41 -41.50 22.24
CA ALA B 257 1.05 -42.69 21.70
C ALA B 257 0.16 -43.38 20.67
N GLU B 258 -1.14 -43.48 20.96
CA GLU B 258 -2.08 -44.10 20.03
C GLU B 258 -2.66 -43.09 19.05
N ASP B 259 -1.77 -42.35 18.38
CA ASP B 259 -2.19 -41.36 17.39
C ASP B 259 -1.28 -41.38 16.17
N THR B 260 -0.71 -42.53 15.84
CA THR B 260 0.16 -42.65 14.68
C THR B 260 -0.70 -42.79 13.44
N ALA B 261 -0.56 -41.86 12.50
CA ALA B 261 -1.38 -41.84 11.29
C ALA B 261 -0.68 -40.97 10.26
N VAL B 262 -1.30 -40.87 9.08
CA VAL B 262 -0.82 -40.01 8.00
C VAL B 262 -1.85 -38.90 7.82
N TYR B 263 -1.43 -37.67 8.09
CA TYR B 263 -2.33 -36.52 7.98
C TYR B 263 -2.18 -35.91 6.59
N TYR B 264 -3.21 -36.09 5.75
CA TYR B 264 -3.18 -35.59 4.39
C TYR B 264 -3.78 -34.20 4.31
N CYS B 265 -3.33 -33.44 3.31
CA CYS B 265 -3.77 -32.07 3.10
C CYS B 265 -4.61 -32.01 1.83
N ALA B 266 -5.80 -31.42 1.93
CA ALA B 266 -6.73 -31.35 0.82
C ALA B 266 -7.30 -29.94 0.72
N ARG B 267 -8.14 -29.73 -0.29
CA ARG B 267 -8.85 -28.47 -0.48
C ARG B 267 -10.23 -28.78 -1.04
N SER B 268 -11.26 -28.23 -0.41
CA SER B 268 -12.62 -28.64 -0.69
C SER B 268 -13.20 -27.91 -1.90
N GLY B 269 -14.35 -28.38 -2.35
CA GLY B 269 -15.13 -27.71 -3.37
C GLY B 269 -16.25 -26.90 -2.75
N GLY B 270 -16.70 -27.31 -1.56
CA GLY B 270 -17.67 -26.56 -0.79
C GLY B 270 -19.12 -26.98 -0.97
N GLN B 271 -19.66 -26.81 -2.17
CA GLN B 271 -21.09 -27.07 -2.39
C GLN B 271 -21.45 -28.55 -2.24
N TRP B 272 -20.50 -29.45 -2.42
CA TRP B 272 -20.73 -30.87 -2.22
C TRP B 272 -19.69 -31.49 -1.28
N LYS B 273 -18.85 -30.66 -0.66
CA LYS B 273 -17.77 -31.11 0.23
C LYS B 273 -16.81 -32.07 -0.47
N TYR B 274 -16.69 -31.96 -1.79
CA TYR B 274 -15.71 -32.74 -2.52
C TYR B 274 -14.35 -32.07 -2.44
N TYR B 275 -13.30 -32.87 -2.30
CA TYR B 275 -11.94 -32.36 -2.20
C TYR B 275 -11.21 -32.74 -3.49
N ASP B 276 -11.21 -31.82 -4.45
CA ASP B 276 -10.52 -32.06 -5.71
C ASP B 276 -9.01 -32.04 -5.50
N TYR B 277 -8.50 -31.02 -4.81
CA TYR B 277 -7.08 -30.91 -4.55
C TYR B 277 -6.68 -31.77 -3.36
N TRP B 278 -5.51 -32.40 -3.45
CA TRP B 278 -5.03 -33.29 -2.42
C TRP B 278 -3.51 -33.17 -2.30
N GLY B 279 -3.00 -33.59 -1.15
CA GLY B 279 -1.57 -33.58 -0.91
C GLY B 279 -0.97 -34.97 -0.89
N GLN B 280 0.12 -35.13 -0.12
CA GLN B 280 0.81 -36.41 -0.02
C GLN B 280 0.91 -36.92 1.41
N GLY B 281 0.34 -36.22 2.38
CA GLY B 281 0.35 -36.69 3.74
C GLY B 281 1.69 -36.51 4.43
N THR B 282 1.77 -37.06 5.64
CA THR B 282 3.00 -37.07 6.42
C THR B 282 2.94 -38.24 7.39
N LEU B 283 3.92 -39.14 7.29
CA LEU B 283 3.97 -40.35 8.10
C LEU B 283 4.59 -40.02 9.46
N VAL B 284 3.77 -39.45 10.34
CA VAL B 284 4.17 -39.22 11.72
C VAL B 284 3.87 -40.49 12.52
N THR B 285 4.88 -40.98 13.22
CA THR B 285 4.80 -42.28 13.88
C THR B 285 4.99 -42.17 15.37
N VAL B 286 4.31 -41.22 16.01
CA VAL B 286 4.40 -41.07 17.45
C VAL B 286 3.72 -42.27 18.12
N SER B 287 4.46 -42.95 18.99
CA SER B 287 3.95 -44.13 19.67
C SER B 287 4.81 -44.39 20.90
N SER B 288 4.28 -45.19 21.81
CA SER B 288 4.98 -45.54 23.05
C SER B 288 6.09 -46.54 22.77
N PHE C 37 38.63 -0.93 -31.20
CA PHE C 37 37.30 -1.42 -30.84
C PHE C 37 36.57 -1.97 -32.06
N ALA C 38 37.23 -2.87 -32.79
CA ALA C 38 36.66 -3.52 -33.96
C ALA C 38 36.64 -5.02 -33.76
N SER C 39 35.47 -5.63 -33.94
CA SER C 39 35.27 -7.07 -33.81
C SER C 39 35.75 -7.59 -32.46
N SER C 40 36.86 -8.32 -32.46
CA SER C 40 37.46 -8.84 -31.23
C SER C 40 38.91 -8.35 -31.16
N GLU C 41 39.19 -7.48 -30.19
CA GLU C 41 40.54 -6.95 -30.05
C GLU C 41 41.50 -7.99 -29.47
N LEU C 42 41.03 -8.77 -28.51
CA LEU C 42 41.86 -9.79 -27.88
C LEU C 42 41.60 -11.17 -28.47
N CYS C 60 43.99 -14.07 -25.67
CA CYS C 60 43.29 -12.92 -25.11
C CYS C 60 44.26 -11.80 -24.76
N GLN C 61 45.21 -11.54 -25.65
CA GLN C 61 46.22 -10.52 -25.42
C GLN C 61 45.73 -9.16 -25.89
N GLY C 62 46.24 -8.12 -25.26
CA GLY C 62 45.94 -6.75 -25.63
C GLY C 62 46.83 -5.75 -24.92
N ASP C 63 47.39 -4.80 -25.66
CA ASP C 63 48.31 -3.82 -25.07
C ASP C 63 47.56 -2.62 -24.51
N SER C 64 46.54 -2.91 -23.69
CA SER C 64 45.85 -1.88 -22.92
C SER C 64 45.39 -2.43 -21.57
N LEU C 65 46.12 -3.42 -21.03
CA LEU C 65 45.65 -4.14 -19.85
C LEU C 65 45.67 -3.27 -18.60
N ARG C 66 46.62 -2.34 -18.49
CA ARG C 66 46.74 -1.53 -17.28
C ARG C 66 45.82 -0.31 -17.32
N SER C 67 44.56 -0.53 -17.68
CA SER C 67 43.53 0.49 -17.54
C SER C 67 42.17 -0.08 -17.12
N TYR C 68 42.07 -1.39 -16.88
CA TYR C 68 40.83 -2.02 -16.45
C TYR C 68 41.16 -3.39 -15.87
N TYR C 69 40.12 -4.20 -15.64
CA TYR C 69 40.27 -5.58 -15.20
C TYR C 69 39.27 -6.44 -15.96
N ALA C 70 39.71 -7.62 -16.37
CA ALA C 70 38.90 -8.53 -17.17
C ALA C 70 38.67 -9.85 -16.44
N SER C 71 38.03 -10.79 -17.12
CA SER C 71 37.67 -12.07 -16.54
C SER C 71 37.94 -13.17 -17.57
N TRP C 72 37.63 -14.41 -17.18
CA TRP C 72 37.81 -15.57 -18.04
C TRP C 72 36.58 -16.48 -17.93
N TYR C 73 36.30 -17.20 -19.00
CA TYR C 73 35.11 -18.04 -19.04
C TYR C 73 35.42 -19.37 -19.70
N GLN C 74 34.62 -20.38 -19.37
CA GLN C 74 34.65 -21.68 -20.02
C GLN C 74 33.24 -22.08 -20.41
N GLN C 75 33.12 -22.94 -21.42
CA GLN C 75 31.82 -23.30 -21.95
C GLN C 75 31.87 -24.71 -22.52
N LYS C 76 31.09 -25.61 -21.94
CA LYS C 76 30.90 -26.92 -22.53
C LYS C 76 30.10 -26.78 -23.83
N PRO C 77 30.38 -27.63 -24.82
CA PRO C 77 29.67 -27.50 -26.12
C PRO C 77 28.16 -27.69 -25.97
N GLY C 78 27.42 -26.88 -26.71
CA GLY C 78 25.97 -26.93 -26.65
C GLY C 78 25.39 -26.55 -25.30
N GLN C 79 26.01 -25.60 -24.61
CA GLN C 79 25.55 -25.21 -23.28
C GLN C 79 25.92 -23.76 -23.03
N ALA C 80 25.25 -23.17 -22.04
CA ALA C 80 25.55 -21.81 -21.65
C ALA C 80 26.93 -21.75 -20.99
N PRO C 81 27.69 -20.67 -21.19
CA PRO C 81 29.03 -20.60 -20.60
C PRO C 81 29.00 -20.22 -19.13
N VAL C 82 30.13 -20.50 -18.47
CA VAL C 82 30.32 -20.23 -17.05
C VAL C 82 31.64 -19.48 -16.90
N LEU C 83 31.75 -18.72 -15.81
CA LEU C 83 32.99 -18.02 -15.50
C LEU C 83 34.04 -18.99 -14.94
N VAL C 84 35.30 -18.70 -15.24
CA VAL C 84 36.42 -19.47 -14.69
C VAL C 84 36.93 -18.79 -13.43
N ILE C 85 37.44 -17.56 -13.57
CA ILE C 85 38.02 -16.82 -12.47
C ILE C 85 37.65 -15.36 -12.61
N TYR C 86 37.12 -14.77 -11.53
CA TYR C 86 36.77 -13.36 -11.52
C TYR C 86 37.98 -12.55 -11.06
N GLY C 87 38.38 -11.58 -11.88
CA GLY C 87 39.53 -10.76 -11.57
C GLY C 87 40.85 -11.48 -11.73
N ASN C 106 50.33 -7.28 -19.73
CA ASN C 106 49.77 -6.90 -21.02
C ASN C 106 49.10 -8.09 -21.70
N THR C 107 49.07 -9.22 -21.00
CA THR C 107 48.44 -10.43 -21.53
C THR C 107 47.68 -11.17 -20.44
N TYR C 124 35.56 -19.24 -23.83
CA TYR C 124 35.97 -18.00 -24.47
C TYR C 124 36.65 -17.07 -23.47
N CYS C 125 36.80 -15.81 -23.84
CA CYS C 125 37.41 -14.80 -22.99
C CYS C 125 36.44 -13.64 -22.80
N ASN C 126 36.90 -12.62 -22.07
CA ASN C 126 36.12 -11.41 -21.84
C ASN C 126 37.10 -10.28 -21.54
N SER C 127 36.72 -9.07 -21.95
CA SER C 127 37.63 -7.93 -21.82
C SER C 127 36.82 -6.67 -21.57
N ARG C 128 36.93 -6.14 -20.36
CA ARG C 128 36.38 -4.83 -20.04
C ARG C 128 37.16 -3.77 -20.81
N ASP C 129 36.44 -2.79 -21.37
CA ASP C 129 37.07 -1.69 -22.09
C ASP C 129 36.32 -0.41 -21.76
N SER C 130 36.76 0.70 -22.37
CA SER C 130 36.23 2.03 -22.08
C SER C 130 35.96 2.79 -23.37
N SER C 131 35.27 2.15 -24.31
CA SER C 131 35.02 2.75 -25.61
C SER C 131 33.80 3.67 -25.64
N GLY C 132 33.07 3.79 -24.54
CA GLY C 132 31.85 4.57 -24.54
C GLY C 132 30.69 3.76 -25.07
N ASN C 133 30.75 3.38 -26.34
CA ASN C 133 29.84 2.38 -26.86
C ASN C 133 30.09 1.07 -26.09
N PRO C 134 29.04 0.29 -25.83
CA PRO C 134 29.11 -0.77 -24.79
C PRO C 134 30.28 -1.70 -24.97
N PRO C 135 31.29 -1.59 -24.10
CA PRO C 135 32.54 -2.35 -24.29
C PRO C 135 32.65 -3.66 -23.53
N VAL C 136 31.93 -4.71 -23.95
CA VAL C 136 32.21 -6.05 -23.47
C VAL C 136 32.17 -6.98 -24.68
N VAL C 137 33.28 -7.66 -24.96
CA VAL C 137 33.39 -8.57 -26.10
C VAL C 137 34.02 -9.87 -25.63
N PHE C 138 33.72 -10.93 -26.36
CA PHE C 138 34.21 -12.26 -26.02
C PHE C 138 35.18 -12.78 -27.08
N VAL C 171 16.88 -18.56 -9.33
CA VAL C 171 18.17 -19.22 -9.41
C VAL C 171 18.39 -19.79 -10.80
N GLN C 172 17.33 -19.81 -11.60
CA GLN C 172 17.38 -20.30 -12.96
C GLN C 172 16.73 -19.29 -13.90
N LEU C 173 17.20 -19.27 -15.14
CA LEU C 173 16.71 -18.35 -16.16
C LEU C 173 16.23 -19.13 -17.36
N VAL C 174 15.04 -18.77 -17.86
CA VAL C 174 14.45 -19.40 -19.04
C VAL C 174 14.03 -18.31 -20.01
N GLU C 175 14.17 -18.61 -21.31
CA GLU C 175 13.85 -17.66 -22.36
C GLU C 175 12.63 -18.14 -23.14
N SER C 176 11.98 -17.20 -23.82
CA SER C 176 10.75 -17.47 -24.53
C SER C 176 10.82 -16.91 -25.94
N GLY C 177 10.01 -17.49 -26.83
CA GLY C 177 9.95 -17.05 -28.21
C GLY C 177 10.00 -18.20 -29.19
N GLY C 178 8.98 -18.31 -30.04
CA GLY C 178 8.92 -19.39 -31.00
C GLY C 178 8.32 -19.00 -32.34
N GLY C 179 8.22 -17.70 -32.59
CA GLY C 179 7.62 -17.23 -33.82
C GLY C 179 8.48 -17.51 -35.04
N LEU C 180 7.81 -17.67 -36.18
CA LEU C 180 8.47 -17.88 -37.47
C LEU C 180 8.04 -16.73 -38.38
N VAL C 181 8.86 -15.68 -38.42
CA VAL C 181 8.53 -14.45 -39.13
C VAL C 181 9.52 -14.26 -40.27
N HIS C 182 9.01 -13.84 -41.42
CA HIS C 182 9.84 -13.56 -42.58
C HIS C 182 10.70 -12.32 -42.31
N PRO C 183 11.83 -12.18 -43.01
CA PRO C 183 12.66 -10.99 -42.83
C PRO C 183 11.91 -9.72 -43.16
N GLY C 184 12.20 -8.66 -42.41
CA GLY C 184 11.45 -7.43 -42.50
C GLY C 184 10.28 -7.34 -41.53
N GLY C 185 9.96 -8.42 -40.83
CA GLY C 185 8.89 -8.44 -39.85
C GLY C 185 9.38 -8.10 -38.46
N SER C 186 8.56 -8.47 -37.48
CA SER C 186 8.84 -8.17 -36.07
C SER C 186 8.64 -9.42 -35.22
N LEU C 187 9.43 -9.52 -34.16
CA LEU C 187 9.31 -10.61 -33.20
C LEU C 187 9.70 -10.09 -31.83
N ARG C 188 9.23 -10.76 -30.79
CA ARG C 188 9.48 -10.37 -29.41
C ARG C 188 10.17 -11.51 -28.67
N LEU C 189 11.29 -11.20 -28.02
CA LEU C 189 12.00 -12.15 -27.19
C LEU C 189 11.70 -11.89 -25.71
N SER C 190 11.98 -12.89 -24.88
CA SER C 190 11.69 -12.79 -23.46
C SER C 190 12.69 -13.62 -22.67
N CYS C 191 12.79 -13.30 -21.38
CA CYS C 191 13.65 -14.05 -20.47
C CYS C 191 12.97 -14.03 -19.10
N ALA C 192 12.27 -15.11 -18.76
CA ALA C 192 11.55 -15.22 -17.51
C ALA C 192 12.41 -15.99 -16.50
N ALA C 193 12.51 -15.44 -15.30
CA ALA C 193 13.35 -16.04 -14.27
C ALA C 193 12.77 -15.74 -12.89
N SER C 194 13.18 -16.53 -11.92
CA SER C 194 12.71 -16.37 -10.54
C SER C 194 13.76 -16.96 -9.60
N GLY C 195 13.44 -16.99 -8.31
CA GLY C 195 14.35 -17.54 -7.33
C GLY C 195 15.54 -16.67 -7.00
N PHE C 196 15.51 -15.40 -7.38
CA PHE C 196 16.63 -14.50 -7.12
C PHE C 196 16.12 -13.07 -7.12
N THR C 197 16.95 -12.18 -6.57
CA THR C 197 16.59 -10.76 -6.44
C THR C 197 16.81 -10.08 -7.79
N PHE C 198 15.71 -9.74 -8.47
CA PHE C 198 15.80 -9.10 -9.78
C PHE C 198 16.43 -7.72 -9.68
N ARG C 199 16.08 -6.96 -8.64
CA ARG C 199 16.62 -5.61 -8.45
C ARG C 199 17.87 -5.63 -7.60
N SER C 200 18.83 -6.47 -7.96
CA SER C 200 20.10 -6.54 -7.24
C SER C 200 21.32 -6.60 -8.15
N HIS C 201 21.17 -6.82 -9.45
CA HIS C 201 22.29 -6.97 -10.35
C HIS C 201 21.89 -6.41 -11.71
N SER C 202 22.64 -6.76 -12.75
CA SER C 202 22.37 -6.30 -14.10
C SER C 202 22.26 -7.48 -15.04
N MET C 203 21.21 -7.48 -15.87
CA MET C 203 21.04 -8.52 -16.88
C MET C 203 21.89 -8.21 -18.10
N ASN C 204 22.16 -9.25 -18.89
CA ASN C 204 22.98 -9.13 -20.09
C ASN C 204 22.42 -10.06 -21.16
N TRP C 205 21.68 -9.50 -22.11
CA TRP C 205 21.38 -10.23 -23.33
C TRP C 205 22.67 -10.47 -24.11
N VAL C 206 22.90 -11.72 -24.52
CA VAL C 206 24.10 -12.09 -25.27
C VAL C 206 23.70 -13.05 -26.38
N ARG C 207 24.24 -12.81 -27.57
CA ARG C 207 23.92 -13.61 -28.75
C ARG C 207 25.02 -14.64 -29.01
N GLN C 208 24.61 -15.81 -29.49
CA GLN C 208 25.50 -16.94 -29.71
C GLN C 208 25.67 -17.15 -31.21
N ALA C 209 26.91 -17.09 -31.67
CA ALA C 209 27.22 -17.30 -33.07
C ALA C 209 28.31 -18.35 -33.21
N PRO C 210 28.21 -19.25 -34.19
CA PRO C 210 29.23 -20.28 -34.36
C PRO C 210 30.60 -19.67 -34.65
N GLY C 211 31.64 -20.35 -34.18
CA GLY C 211 32.99 -19.83 -34.33
C GLY C 211 33.46 -19.06 -33.12
N LYS C 212 33.37 -17.73 -33.18
CA LYS C 212 33.82 -16.90 -32.08
C LYS C 212 33.02 -17.16 -30.81
N GLY C 213 31.71 -17.30 -30.93
CA GLY C 213 30.89 -17.63 -29.78
C GLY C 213 29.89 -16.55 -29.39
N LEU C 214 30.12 -15.93 -28.23
CA LEU C 214 29.18 -14.99 -27.66
C LEU C 214 29.51 -13.56 -28.07
N GLU C 215 28.46 -12.76 -28.26
CA GLU C 215 28.59 -11.34 -28.57
C GLU C 215 27.55 -10.57 -27.79
N TRP C 216 27.86 -9.32 -27.46
CA TRP C 216 27.02 -8.55 -26.56
C TRP C 216 25.76 -8.04 -27.25
N VAL C 217 24.67 -8.01 -26.49
CA VAL C 217 23.42 -7.39 -26.89
C VAL C 217 23.07 -6.44 -25.74
N SER C 218 21.87 -5.87 -25.76
CA SER C 218 21.48 -4.87 -24.77
C SER C 218 21.56 -5.42 -23.35
N SER C 219 21.95 -4.54 -22.43
CA SER C 219 22.43 -4.91 -21.10
C SER C 219 21.77 -4.08 -20.01
N ILE C 220 20.43 -4.06 -19.99
CA ILE C 220 19.65 -3.28 -19.04
C ILE C 220 20.08 -3.57 -17.60
N SER C 221 19.98 -2.57 -16.74
CA SER C 221 20.52 -2.66 -15.39
C SER C 221 19.64 -1.88 -14.43
N SER C 222 19.88 -2.11 -13.13
CA SER C 222 19.15 -1.48 -12.03
C SER C 222 17.64 -1.68 -12.18
N ASP C 223 16.90 -0.60 -12.46
CA ASP C 223 15.48 -0.70 -12.80
C ASP C 223 15.28 0.04 -14.11
N SER C 224 15.58 -0.65 -15.22
CA SER C 224 15.31 -0.17 -16.58
C SER C 224 15.83 1.25 -16.83
N THR C 225 16.99 1.57 -16.25
CA THR C 225 17.53 2.91 -16.34
C THR C 225 18.83 2.99 -17.14
N TYR C 226 19.26 1.89 -17.74
CA TYR C 226 20.52 1.84 -18.50
C TYR C 226 20.29 0.96 -19.73
N THR C 227 19.90 1.58 -20.84
CA THR C 227 19.52 0.85 -22.06
C THR C 227 20.71 0.90 -23.02
N TYR C 228 21.57 -0.10 -22.93
CA TYR C 228 22.81 -0.15 -23.72
C TYR C 228 22.62 -1.09 -24.92
N TYR C 229 21.89 -0.61 -25.92
CA TYR C 229 21.72 -1.40 -27.13
C TYR C 229 23.06 -1.62 -27.81
N ALA C 230 23.26 -2.81 -28.37
CA ALA C 230 24.55 -3.19 -28.91
C ALA C 230 24.89 -2.39 -30.16
N ASP C 231 26.18 -2.37 -30.48
CA ASP C 231 26.66 -1.57 -31.61
C ASP C 231 26.08 -2.04 -32.94
N SER C 232 25.99 -3.34 -33.13
CA SER C 232 25.50 -3.90 -34.39
C SER C 232 23.98 -4.00 -34.44
N VAL C 233 23.28 -3.62 -33.37
CA VAL C 233 21.82 -3.75 -33.32
C VAL C 233 21.15 -2.47 -32.83
N LYS C 234 21.91 -1.42 -32.54
CA LYS C 234 21.35 -0.18 -32.00
C LYS C 234 20.32 0.43 -32.94
N GLY C 235 19.06 0.41 -32.53
CA GLY C 235 17.96 0.88 -33.34
C GLY C 235 16.94 -0.19 -33.69
N ARG C 236 17.31 -1.46 -33.59
CA ARG C 236 16.41 -2.56 -33.89
C ARG C 236 16.03 -3.39 -32.68
N PHE C 237 16.74 -3.24 -31.56
CA PHE C 237 16.46 -3.98 -30.34
C PHE C 237 16.15 -3.01 -29.22
N THR C 238 15.01 -3.19 -28.56
CA THR C 238 14.63 -2.40 -27.40
C THR C 238 14.57 -3.30 -26.19
N ILE C 239 15.22 -2.88 -25.10
CA ILE C 239 15.32 -3.69 -23.90
C ILE C 239 14.66 -2.94 -22.74
N SER C 240 14.20 -3.70 -21.76
CA SER C 240 13.59 -3.14 -20.55
C SER C 240 13.68 -4.18 -19.45
N ARG C 241 13.57 -3.71 -18.20
CA ARG C 241 13.63 -4.57 -17.03
C ARG C 241 12.35 -4.37 -16.22
N ASP C 242 11.52 -5.41 -16.16
CA ASP C 242 10.30 -5.40 -15.37
C ASP C 242 10.53 -6.24 -14.13
N ASN C 243 10.66 -5.59 -12.97
CA ASN C 243 10.92 -6.28 -11.72
C ASN C 243 9.66 -6.78 -11.03
N ALA C 244 8.47 -6.52 -11.61
CA ALA C 244 7.24 -7.02 -11.02
C ALA C 244 7.10 -8.52 -11.22
N LYS C 245 7.09 -8.97 -12.47
CA LYS C 245 7.04 -10.39 -12.79
C LYS C 245 8.43 -11.01 -12.91
N ASN C 246 9.49 -10.22 -12.70
CA ASN C 246 10.88 -10.68 -12.79
C ASN C 246 11.17 -11.25 -14.18
N SER C 247 10.93 -10.42 -15.20
CA SER C 247 11.10 -10.82 -16.59
C SER C 247 11.92 -9.79 -17.34
N LEU C 248 12.63 -10.25 -18.36
CA LEU C 248 13.43 -9.40 -19.23
C LEU C 248 13.02 -9.67 -20.67
N TYR C 249 12.66 -8.61 -21.38
CA TYR C 249 12.11 -8.72 -22.72
C TYR C 249 13.08 -8.17 -23.76
N LEU C 250 12.70 -8.34 -25.03
CA LEU C 250 13.50 -7.86 -26.16
C LEU C 250 12.61 -7.79 -27.38
N GLN C 251 12.62 -6.65 -28.06
CA GLN C 251 11.80 -6.42 -29.25
C GLN C 251 12.67 -6.53 -30.48
N MET C 252 12.50 -7.61 -31.24
CA MET C 252 13.24 -7.83 -32.49
C MET C 252 12.40 -7.41 -33.68
N ASN C 253 12.07 -6.12 -33.73
CA ASN C 253 11.36 -5.59 -34.88
C ASN C 253 12.35 -5.26 -36.00
N SER C 254 11.82 -5.16 -37.22
CA SER C 254 12.62 -4.98 -38.43
C SER C 254 13.68 -6.07 -38.54
N LEU C 255 13.20 -7.30 -38.67
CA LEU C 255 14.06 -8.47 -38.66
C LEU C 255 15.04 -8.46 -39.83
N ARG C 256 16.27 -8.88 -39.57
CA ARG C 256 17.33 -8.94 -40.56
C ARG C 256 17.62 -10.40 -40.90
N ALA C 257 17.77 -10.68 -42.19
CA ALA C 257 18.02 -12.05 -42.63
C ALA C 257 19.35 -12.57 -42.09
N GLU C 258 20.38 -11.74 -42.10
CA GLU C 258 21.69 -12.13 -41.59
C GLU C 258 21.81 -11.85 -40.09
N ASP C 259 20.82 -12.33 -39.33
CA ASP C 259 20.85 -12.17 -37.88
C ASP C 259 20.38 -13.42 -37.15
N THR C 260 20.49 -14.60 -37.78
CA THR C 260 20.11 -15.84 -37.13
C THR C 260 21.15 -16.23 -36.10
N ALA C 261 20.73 -16.32 -34.84
CA ALA C 261 21.64 -16.63 -33.74
C ALA C 261 20.81 -17.08 -32.55
N VAL C 262 21.49 -17.40 -31.46
CA VAL C 262 20.86 -17.76 -30.20
C VAL C 262 21.15 -16.67 -29.18
N TYR C 263 20.10 -16.05 -28.65
CA TYR C 263 20.24 -14.95 -27.70
C TYR C 263 20.11 -15.52 -26.29
N TYR C 264 21.24 -15.66 -25.61
CA TYR C 264 21.25 -16.17 -24.24
C TYR C 264 20.95 -15.05 -23.25
N CYS C 265 20.40 -15.44 -22.10
CA CYS C 265 20.05 -14.52 -21.04
C CYS C 265 20.95 -14.75 -19.84
N ALA C 266 21.51 -13.68 -19.29
CA ALA C 266 22.44 -13.78 -18.19
C ALA C 266 22.17 -12.66 -17.18
N ARG C 267 22.79 -12.78 -16.02
CA ARG C 267 22.74 -11.75 -14.98
C ARG C 267 24.15 -11.55 -14.43
N SER C 268 24.59 -10.30 -14.36
CA SER C 268 25.99 -10.01 -14.08
C SER C 268 26.26 -10.02 -12.58
N GLY C 269 27.54 -10.18 -12.24
CA GLY C 269 28.00 -9.98 -10.89
C GLY C 269 28.40 -8.53 -10.68
N GLY C 270 28.65 -7.82 -11.77
CA GLY C 270 28.88 -6.39 -11.74
C GLY C 270 30.32 -5.93 -11.64
N GLN C 271 30.98 -6.25 -10.52
CA GLN C 271 32.30 -5.66 -10.25
C GLN C 271 33.35 -6.18 -11.23
N TRP C 272 33.23 -7.42 -11.67
CA TRP C 272 34.13 -8.00 -12.66
C TRP C 272 33.42 -8.30 -13.96
N LYS C 273 32.16 -7.85 -14.11
CA LYS C 273 31.33 -8.14 -15.28
C LYS C 273 31.18 -9.64 -15.51
N TYR C 274 31.24 -10.42 -14.45
CA TYR C 274 31.04 -11.86 -14.55
C TYR C 274 29.55 -12.18 -14.49
N TYR C 275 29.12 -13.14 -15.31
CA TYR C 275 27.74 -13.56 -15.37
C TYR C 275 27.67 -14.98 -14.80
N ASP C 276 27.38 -15.06 -13.50
CA ASP C 276 27.24 -16.37 -12.87
C ASP C 276 25.94 -17.04 -13.27
N TYR C 277 24.85 -16.28 -13.33
CA TYR C 277 23.54 -16.80 -13.69
C TYR C 277 23.38 -16.75 -15.20
N TRP C 278 22.90 -17.85 -15.78
CA TRP C 278 22.75 -17.97 -17.22
C TRP C 278 21.43 -18.65 -17.55
N GLY C 279 20.98 -18.44 -18.77
CA GLY C 279 19.77 -19.06 -19.29
C GLY C 279 20.06 -20.18 -20.25
N GLN C 280 19.12 -20.43 -21.16
CA GLN C 280 19.26 -21.47 -22.17
C GLN C 280 19.20 -20.94 -23.59
N GLY C 281 19.04 -19.64 -23.78
CA GLY C 281 19.01 -19.05 -25.10
C GLY C 281 17.70 -19.31 -25.83
N THR C 282 17.69 -18.90 -27.09
CA THR C 282 16.56 -19.15 -27.98
C THR C 282 17.07 -19.11 -29.41
N LEU C 283 16.91 -20.22 -30.13
CA LEU C 283 17.39 -20.34 -31.50
C LEU C 283 16.35 -19.73 -32.45
N VAL C 284 16.51 -18.43 -32.71
CA VAL C 284 15.69 -17.75 -33.71
C VAL C 284 16.41 -17.85 -35.05
N THR C 285 15.66 -18.24 -36.09
CA THR C 285 16.26 -18.55 -37.37
C THR C 285 15.74 -17.65 -38.47
N VAL C 286 15.68 -16.35 -38.21
CA VAL C 286 15.25 -15.41 -39.23
C VAL C 286 16.32 -15.33 -40.31
N SER C 287 15.93 -15.63 -41.56
CA SER C 287 16.86 -15.64 -42.67
C SER C 287 16.06 -15.56 -43.97
N SER C 288 16.76 -15.18 -45.04
CA SER C 288 16.13 -15.07 -46.35
C SER C 288 15.86 -16.43 -46.96
N CYS D 138 32.63 12.18 -4.19
CA CYS D 138 33.23 11.04 -4.88
C CYS D 138 32.16 10.01 -5.23
N ILE D 139 31.00 10.48 -5.67
CA ILE D 139 29.88 9.62 -6.05
C ILE D 139 29.58 9.84 -7.52
N GLU D 140 29.58 8.76 -8.29
CA GLU D 140 29.29 8.79 -9.72
C GLU D 140 27.94 8.14 -9.99
N SER D 141 27.59 8.03 -11.27
CA SER D 141 26.33 7.42 -11.71
C SER D 141 26.68 6.38 -12.77
N THR D 142 27.00 5.17 -12.33
CA THR D 142 27.39 4.10 -13.22
C THR D 142 26.61 2.83 -12.91
N GLY D 143 26.99 1.71 -13.52
CA GLY D 143 26.36 0.45 -13.20
C GLY D 143 26.70 0.00 -11.79
N ASP D 144 27.95 -0.41 -11.58
CA ASP D 144 28.44 -0.76 -10.25
C ASP D 144 29.95 -0.91 -10.24
N TYR D 145 30.63 -0.17 -9.36
CA TYR D 145 32.04 -0.39 -9.01
C TYR D 145 32.94 -0.34 -10.25
N PHE D 146 33.04 0.87 -10.81
CA PHE D 146 33.81 1.14 -12.03
C PHE D 146 33.27 0.30 -13.20
N LEU D 147 32.06 0.63 -13.58
CA LEU D 147 31.33 -0.04 -14.64
C LEU D 147 30.96 0.98 -15.71
N LEU D 148 30.08 0.57 -16.61
CA LEU D 148 29.66 1.44 -17.71
C LEU D 148 29.06 2.73 -17.18
N CYS D 149 29.41 3.84 -17.82
CA CYS D 149 29.06 5.18 -17.33
C CYS D 149 27.63 5.52 -17.72
N ASP D 150 27.26 6.79 -17.56
CA ASP D 150 25.91 7.24 -17.82
C ASP D 150 25.58 7.17 -19.30
N ALA D 151 24.36 6.76 -19.62
CA ALA D 151 23.90 6.66 -20.99
C ALA D 151 22.93 7.80 -21.29
N GLU D 152 22.45 7.82 -22.54
CA GLU D 152 21.45 8.78 -23.02
C GLU D 152 21.95 10.21 -22.93
N GLY D 153 22.13 10.71 -21.71
CA GLY D 153 22.65 12.04 -21.49
C GLY D 153 23.52 12.10 -20.25
N PRO D 154 24.38 13.11 -20.17
CA PRO D 154 25.25 13.29 -19.00
C PRO D 154 24.56 14.06 -17.87
N TRP D 155 23.38 13.59 -17.46
CA TRP D 155 22.63 14.23 -16.39
C TRP D 155 23.15 13.77 -15.03
N GLY D 156 24.45 13.90 -14.84
CA GLY D 156 25.12 13.57 -13.59
C GLY D 156 25.66 14.81 -12.93
N ILE D 157 26.94 15.07 -13.17
CA ILE D 157 27.62 16.23 -12.57
C ILE D 157 26.96 17.53 -13.01
N ILE D 158 26.32 17.55 -14.19
CA ILE D 158 25.61 18.76 -14.63
C ILE D 158 24.38 19.04 -13.79
N LEU D 159 24.00 18.14 -12.90
CA LEU D 159 23.04 18.43 -11.83
C LEU D 159 23.65 18.37 -10.45
N GLU D 160 24.68 17.55 -10.25
CA GLU D 160 25.34 17.46 -8.94
C GLU D 160 26.03 18.77 -8.59
N SER D 161 26.72 19.39 -9.56
CA SER D 161 27.38 20.66 -9.31
C SER D 161 26.38 21.77 -9.04
N LEU D 162 25.26 21.77 -9.78
CA LEU D 162 24.20 22.73 -9.50
C LEU D 162 23.60 22.54 -8.12
N ALA D 163 23.43 21.28 -7.70
CA ALA D 163 22.94 21.01 -6.36
C ALA D 163 23.94 21.47 -5.30
N ILE D 164 25.23 21.27 -5.54
CA ILE D 164 26.24 21.69 -4.59
C ILE D 164 26.28 23.21 -4.50
N LEU D 165 26.18 23.90 -5.64
CA LEU D 165 26.10 25.35 -5.64
C LEU D 165 24.85 25.83 -4.91
N GLY D 166 23.73 25.14 -5.11
CA GLY D 166 22.53 25.48 -4.38
C GLY D 166 22.70 25.31 -2.89
N ILE D 167 23.35 24.24 -2.46
CA ILE D 167 23.59 24.01 -1.04
C ILE D 167 24.46 25.11 -0.46
N VAL D 168 25.53 25.47 -1.16
CA VAL D 168 26.46 26.49 -0.64
C VAL D 168 25.78 27.85 -0.58
N VAL D 169 25.11 28.24 -1.67
CA VAL D 169 24.47 29.55 -1.73
C VAL D 169 23.31 29.61 -0.75
N THR D 170 22.58 28.51 -0.57
CA THR D 170 21.49 28.49 0.40
C THR D 170 22.01 28.56 1.83
N ILE D 171 23.16 27.95 2.10
CA ILE D 171 23.75 28.05 3.43
C ILE D 171 24.16 29.49 3.72
N LEU D 172 24.85 30.12 2.76
CA LEU D 172 25.25 31.52 2.93
C LEU D 172 24.04 32.43 3.06
N LEU D 173 23.01 32.19 2.25
CA LEU D 173 21.79 33.00 2.28
C LEU D 173 21.05 32.83 3.58
N LEU D 174 21.00 31.60 4.11
CA LEU D 174 20.35 31.37 5.39
C LEU D 174 21.12 32.05 6.52
N LEU D 175 22.45 32.01 6.47
CA LEU D 175 23.24 32.73 7.46
C LEU D 175 22.97 34.23 7.41
N ALA D 176 22.94 34.79 6.19
CA ALA D 176 22.67 36.22 6.05
C ALA D 176 21.24 36.55 6.50
N PHE D 177 20.28 35.69 6.20
CA PHE D 177 18.89 35.95 6.54
C PHE D 177 18.66 35.80 8.05
N LEU D 178 19.43 34.95 8.71
CA LEU D 178 19.37 34.84 10.17
C LEU D 178 20.04 36.03 10.84
N PHE D 179 21.15 36.51 10.28
CA PHE D 179 21.74 37.75 10.77
C PHE D 179 20.85 38.95 10.48
N LEU D 180 19.94 38.83 9.50
CA LEU D 180 19.00 39.91 9.20
C LEU D 180 18.06 40.19 10.37
N MET D 181 17.80 39.18 11.21
CA MET D 181 16.90 39.37 12.34
C MET D 181 17.46 40.35 13.37
N ARG D 182 18.78 40.49 13.43
CA ARG D 182 19.39 41.40 14.39
C ARG D 182 19.13 42.85 14.04
N LYS D 183 19.16 43.20 12.75
CA LYS D 183 19.14 44.59 12.34
C LYS D 183 17.76 45.12 11.97
N ILE D 184 16.78 44.26 11.74
CA ILE D 184 15.46 44.73 11.34
C ILE D 184 14.76 45.37 12.54
N GLN D 185 14.20 46.55 12.34
CA GLN D 185 13.45 47.25 13.38
C GLN D 185 11.96 47.35 13.09
N ASP D 186 11.55 47.19 11.84
CA ASP D 186 10.14 47.27 11.47
C ASP D 186 9.47 45.92 11.71
N CYS D 187 8.45 45.92 12.56
CA CYS D 187 7.73 44.68 12.85
C CYS D 187 6.69 44.34 11.80
N SER D 188 6.45 45.22 10.82
CA SER D 188 5.50 44.92 9.76
C SER D 188 5.99 43.78 8.88
N GLN D 189 7.30 43.73 8.62
CA GLN D 189 7.88 42.66 7.82
C GLN D 189 8.58 41.60 8.64
N TRP D 190 8.75 41.82 9.95
CA TRP D 190 9.34 40.80 10.81
C TRP D 190 8.41 39.59 10.95
N ASN D 191 7.13 39.77 10.65
CA ASN D 191 6.18 38.66 10.74
C ASN D 191 6.47 37.58 9.71
N VAL D 192 6.86 37.98 8.49
CA VAL D 192 7.09 37.01 7.42
C VAL D 192 8.46 36.35 7.50
N LEU D 193 9.32 36.81 8.41
CA LEU D 193 10.65 36.22 8.56
C LEU D 193 10.65 34.72 8.83
N PRO D 194 9.82 34.18 9.75
CA PRO D 194 9.77 32.71 9.89
C PRO D 194 9.30 32.00 8.64
N THR D 195 8.35 32.57 7.89
CA THR D 195 7.88 31.93 6.68
C THR D 195 8.97 31.88 5.62
N GLN D 196 9.73 32.97 5.48
CA GLN D 196 10.87 32.95 4.55
C GLN D 196 11.95 31.99 5.02
N LEU D 197 12.14 31.87 6.35
CA LEU D 197 13.10 30.90 6.87
C LEU D 197 12.70 29.47 6.52
N LEU D 198 11.41 29.15 6.67
CA LEU D 198 10.96 27.81 6.29
C LEU D 198 11.00 27.61 4.78
N PHE D 199 10.79 28.66 3.98
CA PHE D 199 10.97 28.53 2.54
C PHE D 199 12.43 28.21 2.20
N LEU D 200 13.36 28.87 2.89
CA LEU D 200 14.77 28.57 2.68
C LEU D 200 15.10 27.15 3.08
N LEU D 201 14.55 26.68 4.21
CA LEU D 201 14.77 25.30 4.63
C LEU D 201 14.21 24.30 3.64
N SER D 202 13.01 24.59 3.10
CA SER D 202 12.40 23.71 2.12
C SER D 202 13.21 23.69 0.82
N VAL D 203 13.76 24.82 0.41
CA VAL D 203 14.58 24.86 -0.79
C VAL D 203 15.89 24.09 -0.57
N LEU D 204 16.45 24.21 0.63
CA LEU D 204 17.64 23.42 0.96
C LEU D 204 17.32 21.92 0.92
N GLY D 205 16.15 21.54 1.42
CA GLY D 205 15.72 20.16 1.31
C GLY D 205 15.52 19.72 -0.12
N LEU D 206 15.00 20.61 -0.97
CA LEU D 206 14.81 20.28 -2.38
C LEU D 206 16.16 20.04 -3.07
N PHE D 207 17.15 20.87 -2.77
CA PHE D 207 18.48 20.66 -3.34
C PHE D 207 19.10 19.37 -2.83
N GLY D 208 19.00 19.11 -1.52
CA GLY D 208 19.53 17.88 -0.97
C GLY D 208 18.85 16.63 -1.51
N LEU D 209 17.56 16.74 -1.81
CA LEU D 209 16.84 15.61 -2.42
C LEU D 209 17.27 15.43 -3.87
N ALA D 210 17.42 16.53 -4.61
CA ALA D 210 17.95 16.43 -5.97
C ALA D 210 19.34 15.81 -5.98
N PHE D 211 20.09 15.96 -4.89
CA PHE D 211 21.35 15.23 -4.75
C PHE D 211 21.09 13.73 -4.74
N ALA D 212 20.05 13.29 -4.04
CA ALA D 212 19.73 11.87 -3.90
C ALA D 212 18.61 11.43 -4.82
N PHE D 213 18.47 12.10 -5.97
CA PHE D 213 17.41 11.81 -6.94
C PHE D 213 17.98 11.38 -8.29
N ILE D 214 19.17 10.78 -8.30
CA ILE D 214 19.82 10.40 -9.55
C ILE D 214 20.32 8.96 -9.50
N ILE D 215 20.31 8.35 -8.31
CA ILE D 215 20.93 7.04 -8.11
C ILE D 215 19.89 5.99 -8.48
N GLU D 216 18.71 6.44 -8.89
CA GLU D 216 17.59 5.62 -9.34
C GLU D 216 17.01 4.76 -8.22
N LEU D 217 15.92 4.06 -8.50
CA LEU D 217 15.12 3.38 -7.49
C LEU D 217 15.60 1.93 -7.28
N ASN D 218 16.83 1.80 -6.77
CA ASN D 218 17.37 0.50 -6.43
C ASN D 218 18.07 0.44 -5.08
N GLN D 219 18.38 1.57 -4.46
CA GLN D 219 19.02 1.60 -3.16
C GLN D 219 17.97 1.75 -2.06
N GLN D 220 18.41 2.05 -0.84
CA GLN D 220 17.52 2.39 0.26
C GLN D 220 17.01 3.81 0.17
N THR D 221 17.33 4.52 -0.92
CA THR D 221 16.79 5.85 -1.18
C THR D 221 15.47 5.78 -1.94
N ALA D 222 14.84 4.62 -2.00
CA ALA D 222 13.49 4.52 -2.55
C ALA D 222 12.45 5.27 -1.71
N PRO D 223 12.39 5.13 -0.37
CA PRO D 223 11.35 5.85 0.38
C PRO D 223 11.42 7.37 0.27
N VAL D 224 12.62 7.95 0.19
CA VAL D 224 12.75 9.40 0.29
C VAL D 224 12.17 10.09 -0.93
N ARG D 225 12.29 9.45 -2.10
CA ARG D 225 11.90 10.11 -3.35
C ARG D 225 10.40 10.34 -3.46
N TYR D 226 9.59 9.70 -2.64
CA TYR D 226 8.14 9.85 -2.70
C TYR D 226 7.55 10.47 -1.44
N PHE D 227 8.39 10.75 -0.44
CA PHE D 227 7.97 11.40 0.79
C PHE D 227 8.57 12.79 0.91
N LEU D 228 9.89 12.92 0.79
CA LEU D 228 10.53 14.21 0.95
C LEU D 228 10.16 15.18 -0.16
N PHE D 229 9.98 14.67 -1.38
CA PHE D 229 9.62 15.56 -2.49
C PHE D 229 8.28 16.24 -2.22
N GLY D 230 7.27 15.45 -1.90
CA GLY D 230 5.97 16.02 -1.58
C GLY D 230 6.01 16.91 -0.35
N VAL D 231 6.74 16.47 0.69
CA VAL D 231 6.77 17.23 1.94
C VAL D 231 7.41 18.59 1.71
N LEU D 232 8.53 18.64 1.00
CA LEU D 232 9.25 19.90 0.80
C LEU D 232 8.54 20.78 -0.21
N PHE D 233 7.93 20.20 -1.24
CA PHE D 233 7.14 21.01 -2.16
C PHE D 233 5.94 21.62 -1.46
N ALA D 234 5.26 20.85 -0.61
CA ALA D 234 4.14 21.39 0.14
C ALA D 234 4.61 22.45 1.14
N LEU D 235 5.77 22.24 1.76
CA LEU D 235 6.32 23.23 2.67
C LEU D 235 6.58 24.56 1.94
N CYS D 236 7.23 24.49 0.78
CA CYS D 236 7.55 25.71 0.04
C CYS D 236 6.30 26.41 -0.46
N PHE D 237 5.37 25.65 -1.06
CA PHE D 237 4.18 26.29 -1.62
C PHE D 237 3.22 26.74 -0.53
N SER D 238 3.25 26.11 0.65
CA SER D 238 2.46 26.59 1.77
C SER D 238 3.08 27.83 2.39
N CYS D 239 4.41 27.95 2.37
CA CYS D 239 5.04 29.22 2.74
C CYS D 239 4.64 30.32 1.75
N LEU D 240 4.57 29.97 0.47
CA LEU D 240 4.09 30.93 -0.53
C LEU D 240 2.65 31.34 -0.25
N LEU D 241 1.80 30.38 0.10
CA LEU D 241 0.41 30.71 0.44
C LEU D 241 0.33 31.57 1.70
N ALA D 242 1.20 31.30 2.67
CA ALA D 242 1.26 32.11 3.89
C ALA D 242 1.64 33.54 3.57
N HIS D 243 2.65 33.73 2.72
CA HIS D 243 3.05 35.07 2.34
C HIS D 243 1.94 35.75 1.56
N ALA D 244 1.24 35.00 0.70
CA ALA D 244 0.13 35.57 -0.05
C ALA D 244 -0.99 36.03 0.87
N SER D 245 -1.33 35.22 1.87
CA SER D 245 -2.37 35.60 2.82
C SER D 245 -1.94 36.81 3.64
N ASN D 246 -0.68 36.86 4.05
CA ASN D 246 -0.16 38.03 4.74
C ASN D 246 -0.27 39.28 3.87
N LEU D 247 0.01 39.15 2.58
CA LEU D 247 -0.14 40.28 1.67
C LEU D 247 -1.60 40.70 1.55
N VAL D 248 -2.51 39.72 1.46
CA VAL D 248 -3.94 40.04 1.38
C VAL D 248 -4.38 40.82 2.60
N LYS D 249 -3.97 40.38 3.79
CA LYS D 249 -4.39 41.03 5.02
C LYS D 249 -3.46 42.15 5.45
N LEU D 250 -2.46 42.50 4.64
CA LEU D 250 -1.63 43.68 4.87
C LEU D 250 -1.73 44.70 3.75
N VAL D 251 -2.52 44.44 2.72
CA VAL D 251 -2.65 45.37 1.60
C VAL D 251 -4.00 46.08 1.60
N ARG D 252 -5.02 45.47 2.21
CA ARG D 252 -6.36 46.08 2.26
C ARG D 252 -6.69 46.67 3.62
N GLY D 253 -5.73 47.28 4.30
CA GLY D 253 -5.99 48.06 5.49
C GLY D 253 -5.94 47.30 6.79
N CYS D 254 -5.82 45.98 6.77
CA CYS D 254 -5.76 45.18 7.98
C CYS D 254 -4.33 45.13 8.49
N VAL D 255 -4.08 44.27 9.47
CA VAL D 255 -2.80 44.19 10.16
C VAL D 255 -2.20 42.81 9.92
N SER D 256 -0.90 42.76 9.70
CA SER D 256 -0.21 41.51 9.42
C SER D 256 -0.35 40.54 10.59
N PHE D 257 -0.48 39.26 10.27
CA PHE D 257 -0.61 38.22 11.28
C PHE D 257 0.68 38.12 12.09
N SER D 258 0.55 37.55 13.29
CA SER D 258 1.69 37.40 14.16
C SER D 258 2.64 36.31 13.64
N TRP D 259 3.76 36.14 14.33
CA TRP D 259 4.68 35.06 13.99
C TRP D 259 4.00 33.70 14.13
N THR D 260 3.24 33.51 15.21
CA THR D 260 2.53 32.26 15.42
C THR D 260 1.57 31.97 14.27
N THR D 261 0.80 32.96 13.85
CA THR D 261 -0.23 32.72 12.85
C THR D 261 0.37 32.40 11.48
N ILE D 262 1.38 33.16 11.07
CA ILE D 262 1.98 32.93 9.77
C ILE D 262 2.73 31.60 9.76
N LEU D 263 3.38 31.24 10.88
CA LEU D 263 4.03 29.94 10.95
C LEU D 263 3.02 28.81 10.93
N CYS D 264 1.91 28.98 11.65
CA CYS D 264 0.88 27.95 11.71
C CYS D 264 0.23 27.74 10.35
N ILE D 265 -0.03 28.82 9.60
CA ILE D 265 -0.62 28.66 8.29
C ILE D 265 0.42 28.17 7.27
N ALA D 266 1.71 28.40 7.52
CA ALA D 266 2.74 27.84 6.65
C ALA D 266 2.87 26.34 6.84
N ILE D 267 2.72 25.85 8.08
CA ILE D 267 2.87 24.42 8.32
C ILE D 267 1.55 23.64 8.18
N GLY D 268 0.40 24.29 8.35
CA GLY D 268 -0.86 23.57 8.33
C GLY D 268 -1.20 23.00 6.97
N CYS D 269 -0.96 23.76 5.91
CA CYS D 269 -1.18 23.24 4.57
C CYS D 269 -0.20 22.12 4.23
N SER D 270 0.94 22.06 4.91
CA SER D 270 1.88 20.97 4.72
C SER D 270 1.60 19.76 5.61
N LEU D 271 0.78 19.93 6.66
CA LEU D 271 0.41 18.80 7.50
C LEU D 271 -0.30 17.71 6.70
N LEU D 272 -1.23 18.10 5.83
CA LEU D 272 -1.94 17.09 5.04
C LEU D 272 -0.97 16.33 4.14
N GLN D 273 0.03 17.03 3.60
CA GLN D 273 0.97 16.35 2.71
C GLN D 273 1.93 15.45 3.46
N ILE D 274 2.40 15.88 4.65
CA ILE D 274 3.29 14.98 5.38
C ILE D 274 2.51 13.75 5.84
N ILE D 275 1.23 13.93 6.18
CA ILE D 275 0.38 12.79 6.50
C ILE D 275 0.26 11.86 5.29
N ILE D 276 -0.04 12.44 4.11
CA ILE D 276 -0.27 11.63 2.92
C ILE D 276 1.00 10.90 2.51
N ALA D 277 2.15 11.53 2.70
CA ALA D 277 3.41 10.94 2.27
C ALA D 277 3.91 9.88 3.25
N THR D 278 3.81 10.14 4.55
CA THR D 278 4.18 9.13 5.54
C THR D 278 3.15 8.02 5.60
N GLU D 279 1.97 8.21 5.00
CA GLU D 279 1.06 7.09 4.80
C GLU D 279 1.49 6.24 3.62
N TYR D 280 1.71 6.87 2.46
CA TYR D 280 2.10 6.14 1.26
C TYR D 280 3.37 5.35 1.49
N VAL D 281 4.40 6.00 2.04
CA VAL D 281 5.71 5.36 2.11
C VAL D 281 5.68 4.13 3.00
N THR D 282 5.05 4.24 4.17
CA THR D 282 5.00 3.10 5.09
C THR D 282 4.08 2.01 4.57
N LEU D 283 2.92 2.39 4.02
CA LEU D 283 1.99 1.43 3.44
C LEU D 283 2.65 0.60 2.36
N ILE D 284 3.59 1.17 1.60
CA ILE D 284 4.20 0.36 0.56
C ILE D 284 5.41 -0.40 1.09
N MET D 285 6.33 0.28 1.80
CA MET D 285 7.55 -0.43 2.17
C MET D 285 7.30 -1.52 3.21
N THR D 286 6.15 -1.50 3.90
CA THR D 286 5.88 -2.53 4.89
C THR D 286 4.75 -3.45 4.49
N ARG D 287 3.60 -2.92 4.09
CA ARG D 287 2.45 -3.77 3.84
C ARG D 287 2.49 -4.35 2.43
N GLY D 288 2.45 -3.49 1.41
CA GLY D 288 2.41 -3.93 0.04
C GLY D 288 3.79 -4.26 -0.50
N MET D 289 3.82 -4.54 -1.80
CA MET D 289 5.08 -4.81 -2.47
C MET D 289 5.93 -3.56 -2.53
N MET D 290 7.24 -3.72 -2.35
CA MET D 290 8.16 -2.60 -2.18
C MET D 290 8.26 -1.76 -3.47
N PHE D 291 8.90 -0.60 -3.33
CA PHE D 291 9.12 0.28 -4.49
C PHE D 291 9.90 -0.40 -5.60
N VAL D 292 10.88 -1.24 -5.25
CA VAL D 292 11.85 -1.73 -6.22
C VAL D 292 11.28 -2.89 -7.03
N ASN D 293 9.99 -3.18 -6.85
CA ASN D 293 9.36 -4.23 -7.65
C ASN D 293 8.07 -3.75 -8.31
N MET D 294 7.87 -2.44 -8.42
CA MET D 294 6.74 -1.87 -9.15
C MET D 294 7.20 -1.48 -10.56
N THR D 295 6.30 -1.64 -11.52
CA THR D 295 6.60 -1.29 -12.89
C THR D 295 6.72 0.23 -13.05
N PRO D 296 7.63 0.69 -13.90
CA PRO D 296 7.79 2.15 -14.08
C PRO D 296 6.56 2.86 -14.61
N CYS D 297 5.66 2.15 -15.30
CA CYS D 297 4.42 2.75 -15.77
C CYS D 297 3.50 3.16 -14.63
N GLN D 298 3.64 2.56 -13.45
CA GLN D 298 2.90 2.95 -12.27
C GLN D 298 3.79 3.47 -11.15
N LEU D 299 5.10 3.51 -11.37
CA LEU D 299 6.09 4.00 -10.42
C LEU D 299 6.33 5.50 -10.56
N ASN D 300 5.74 6.13 -11.57
CA ASN D 300 5.80 7.59 -11.69
C ASN D 300 4.42 8.18 -11.89
N VAL D 301 3.40 7.34 -12.13
CA VAL D 301 2.02 7.78 -12.02
C VAL D 301 1.65 8.05 -10.57
N ASP D 302 2.13 7.24 -9.63
CA ASP D 302 1.97 7.52 -8.22
C ASP D 302 2.60 8.83 -7.80
N PHE D 303 3.60 9.32 -8.55
CA PHE D 303 4.16 10.63 -8.27
C PHE D 303 3.09 11.72 -8.45
N VAL D 304 2.35 11.66 -9.56
CA VAL D 304 1.23 12.58 -9.78
C VAL D 304 0.14 12.36 -8.74
N VAL D 305 -0.16 11.09 -8.44
CA VAL D 305 -1.21 10.77 -7.48
C VAL D 305 -0.88 11.35 -6.11
N LEU D 306 0.40 11.33 -5.73
CA LEU D 306 0.81 11.88 -4.45
C LEU D 306 0.88 13.40 -4.48
N LEU D 307 1.22 13.99 -5.61
CA LEU D 307 1.43 15.43 -5.69
C LEU D 307 0.19 16.20 -6.14
N VAL D 308 -0.96 15.54 -6.29
CA VAL D 308 -2.18 16.29 -6.57
C VAL D 308 -2.44 17.32 -5.47
N TYR D 309 -2.07 17.02 -4.23
CA TYR D 309 -2.32 17.95 -3.14
C TYR D 309 -1.45 19.20 -3.24
N VAL D 310 -0.16 19.03 -3.54
CA VAL D 310 0.68 20.20 -3.73
C VAL D 310 0.33 20.93 -5.02
N LEU D 311 -0.26 20.23 -5.99
CA LEU D 311 -0.82 20.91 -7.15
C LEU D 311 -1.97 21.82 -6.75
N PHE D 312 -2.86 21.33 -5.88
CA PHE D 312 -3.94 22.17 -5.38
C PHE D 312 -3.40 23.34 -4.56
N LEU D 313 -2.33 23.10 -3.79
CA LEU D 313 -1.69 24.18 -3.04
C LEU D 313 -1.15 25.26 -3.97
N MET D 314 -0.49 24.84 -5.05
CA MET D 314 -0.01 25.79 -6.05
C MET D 314 -1.16 26.57 -6.69
N ALA D 315 -2.25 25.88 -7.02
CA ALA D 315 -3.39 26.54 -7.63
C ALA D 315 -4.02 27.56 -6.68
N LEU D 316 -4.10 27.21 -5.39
CA LEU D 316 -4.61 28.16 -4.41
C LEU D 316 -3.71 29.37 -4.28
N THR D 317 -2.39 29.16 -4.29
CA THR D 317 -1.47 30.29 -4.22
C THR D 317 -1.61 31.20 -5.43
N PHE D 318 -1.73 30.60 -6.61
CA PHE D 318 -1.91 31.37 -7.84
C PHE D 318 -3.20 32.17 -7.81
N PHE D 319 -4.30 31.55 -7.36
CA PHE D 319 -5.57 32.26 -7.31
C PHE D 319 -5.55 33.38 -6.28
N VAL D 320 -4.90 33.17 -5.13
CA VAL D 320 -4.85 34.21 -4.11
C VAL D 320 -4.04 35.40 -4.59
N SER D 321 -2.86 35.14 -5.18
CA SER D 321 -2.05 36.26 -5.65
C SER D 321 -2.58 36.88 -6.93
N LYS D 322 -3.47 36.19 -7.65
CA LYS D 322 -4.21 36.86 -8.72
C LYS D 322 -5.31 37.74 -8.16
N ALA D 323 -6.00 37.28 -7.12
CA ALA D 323 -7.05 38.08 -6.49
C ALA D 323 -6.51 39.26 -5.72
N THR D 324 -5.21 39.25 -5.39
CA THR D 324 -4.59 40.41 -4.73
C THR D 324 -4.61 41.67 -5.58
N PHE D 325 -5.12 41.62 -6.82
CA PHE D 325 -5.04 42.76 -7.72
C PHE D 325 -5.79 43.97 -7.16
N CYS D 326 -6.97 43.75 -6.58
CA CYS D 326 -7.76 44.83 -6.01
C CYS D 326 -7.19 45.16 -4.63
N GLY D 327 -6.23 46.09 -4.61
CA GLY D 327 -5.60 46.51 -3.39
C GLY D 327 -5.11 47.95 -3.43
N PRO D 328 -5.49 48.74 -2.43
CA PRO D 328 -5.08 50.16 -2.45
C PRO D 328 -3.62 50.38 -2.14
N CYS D 329 -3.08 49.68 -1.14
CA CYS D 329 -1.69 49.88 -0.75
C CYS D 329 -0.74 49.32 -1.80
N GLU D 330 0.38 50.02 -2.01
CA GLU D 330 1.34 49.65 -3.04
C GLU D 330 2.67 49.15 -2.50
N ASN D 331 2.96 49.38 -1.22
CA ASN D 331 4.25 48.98 -0.65
C ASN D 331 4.41 47.47 -0.58
N TRP D 332 3.33 46.70 -0.70
CA TRP D 332 3.41 45.25 -0.69
C TRP D 332 2.97 44.61 -1.99
N LYS D 333 2.57 45.41 -2.99
CA LYS D 333 2.13 44.85 -4.27
C LYS D 333 3.27 44.26 -5.08
N GLN D 334 4.50 44.74 -4.89
CA GLN D 334 5.63 44.11 -5.57
C GLN D 334 5.88 42.70 -5.05
N HIS D 335 5.62 42.45 -3.77
CA HIS D 335 5.68 41.09 -3.26
C HIS D 335 4.58 40.22 -3.90
N GLY D 336 3.39 40.79 -4.08
CA GLY D 336 2.33 40.05 -4.73
C GLY D 336 2.64 39.70 -6.17
N ARG D 337 3.24 40.64 -6.91
CA ARG D 337 3.64 40.34 -8.28
C ARG D 337 4.81 39.37 -8.31
N LEU D 338 5.66 39.39 -7.29
CA LEU D 338 6.70 38.37 -7.16
C LEU D 338 6.08 36.98 -7.01
N ILE D 339 5.05 36.87 -6.18
CA ILE D 339 4.38 35.58 -6.02
C ILE D 339 3.71 35.17 -7.32
N PHE D 340 3.09 36.14 -8.02
CA PHE D 340 2.41 35.82 -9.27
C PHE D 340 3.39 35.28 -10.30
N ILE D 341 4.54 35.94 -10.44
CA ILE D 341 5.55 35.49 -11.40
C ILE D 341 6.09 34.12 -11.00
N THR D 342 6.38 33.93 -9.70
CA THR D 342 6.94 32.67 -9.24
C THR D 342 5.98 31.52 -9.47
N VAL D 343 4.70 31.71 -9.16
CA VAL D 343 3.75 30.61 -9.31
C VAL D 343 3.40 30.39 -10.78
N LEU D 344 3.42 31.45 -11.60
CA LEU D 344 3.23 31.23 -13.03
C LEU D 344 4.37 30.39 -13.60
N PHE D 345 5.60 30.71 -13.23
CA PHE D 345 6.75 29.90 -13.66
C PHE D 345 6.66 28.48 -13.11
N SER D 346 6.21 28.34 -11.86
CA SER D 346 6.15 27.06 -11.19
C SER D 346 4.93 26.23 -11.55
N ILE D 347 3.99 26.81 -12.32
CA ILE D 347 2.90 26.03 -12.88
C ILE D 347 3.24 25.71 -14.33
N ILE D 348 4.09 26.53 -14.94
CA ILE D 348 4.55 26.23 -16.29
C ILE D 348 5.53 25.06 -16.28
N ILE D 349 6.44 25.02 -15.29
CA ILE D 349 7.37 23.88 -15.19
C ILE D 349 6.62 22.58 -14.94
N TRP D 350 5.43 22.67 -14.35
CA TRP D 350 4.63 21.51 -14.01
C TRP D 350 3.64 21.10 -15.08
N VAL D 351 3.17 22.05 -15.90
CA VAL D 351 2.17 21.75 -16.92
C VAL D 351 2.74 20.86 -18.02
N VAL D 352 4.05 20.76 -18.13
CA VAL D 352 4.70 19.94 -19.13
C VAL D 352 5.34 18.70 -18.52
N TRP D 353 6.12 18.88 -17.46
CA TRP D 353 6.96 17.79 -16.94
C TRP D 353 6.12 16.61 -16.45
N ILE D 354 5.10 16.88 -15.64
CA ILE D 354 4.18 15.82 -15.25
C ILE D 354 3.45 15.27 -16.46
N SER D 355 2.98 16.17 -17.33
CA SER D 355 2.35 15.75 -18.58
C SER D 355 3.33 14.98 -19.45
N MET D 356 4.60 15.39 -19.46
CA MET D 356 5.61 14.66 -20.23
C MET D 356 5.75 13.24 -19.73
N LEU D 357 5.93 13.06 -18.42
CA LEU D 357 6.10 11.72 -17.86
C LEU D 357 4.85 10.87 -18.09
N LEU D 358 3.66 11.48 -18.06
CA LEU D 358 2.44 10.71 -18.25
C LEU D 358 2.19 10.35 -19.71
N ARG D 359 2.58 11.21 -20.65
CA ARG D 359 2.13 11.06 -22.03
C ARG D 359 3.28 10.81 -22.99
N GLY D 360 4.30 11.66 -23.00
CA GLY D 360 5.26 11.69 -24.09
C GLY D 360 6.35 10.65 -24.00
N ASN D 361 6.85 10.40 -22.79
CA ASN D 361 7.91 9.41 -22.61
C ASN D 361 7.53 8.02 -23.13
N PRO D 362 6.30 7.52 -22.95
CA PRO D 362 5.92 6.29 -23.68
C PRO D 362 5.96 6.46 -25.20
N GLN D 363 5.58 7.63 -25.71
CA GLN D 363 5.59 7.84 -27.16
C GLN D 363 6.97 8.19 -27.68
N PHE D 364 7.78 8.89 -26.88
CA PHE D 364 9.11 9.29 -27.31
C PHE D 364 10.15 8.21 -27.05
N GLN D 365 9.74 7.06 -26.53
CA GLN D 365 10.65 5.98 -26.13
C GLN D 365 11.69 6.50 -25.14
N ARG D 366 11.25 7.36 -24.24
CA ARG D 366 12.11 8.04 -23.28
C ARG D 366 11.79 7.60 -21.86
N GLN D 367 11.56 6.31 -21.68
CA GLN D 367 11.33 5.75 -20.35
C GLN D 367 11.87 4.34 -20.31
N PRO D 368 12.39 3.92 -19.16
CA PRO D 368 12.68 4.73 -17.98
C PRO D 368 14.08 5.33 -18.01
N GLN D 369 14.55 5.84 -19.16
CA GLN D 369 15.82 6.53 -19.20
C GLN D 369 15.66 8.05 -19.04
N TRP D 370 14.62 8.63 -19.62
CA TRP D 370 14.25 10.02 -19.34
C TRP D 370 13.15 10.10 -18.29
N ASP D 371 13.14 9.17 -17.34
CA ASP D 371 12.15 9.11 -16.28
C ASP D 371 12.60 9.88 -15.04
N ASP D 372 13.74 9.47 -14.48
CA ASP D 372 14.34 10.08 -13.30
C ASP D 372 15.14 11.36 -13.60
N PRO D 373 15.97 11.40 -14.66
CA PRO D 373 16.71 12.67 -14.93
C PRO D 373 15.83 13.87 -15.17
N VAL D 374 14.67 13.72 -15.82
CA VAL D 374 13.82 14.88 -16.04
C VAL D 374 13.19 15.33 -14.71
N VAL D 375 12.89 14.39 -13.82
CA VAL D 375 12.39 14.76 -12.50
C VAL D 375 13.45 15.53 -11.73
N CYS D 376 14.71 15.06 -11.78
CA CYS D 376 15.78 15.78 -11.09
C CYS D 376 16.04 17.15 -11.72
N ILE D 377 15.90 17.25 -13.04
CA ILE D 377 16.07 18.53 -13.73
C ILE D 377 14.99 19.51 -13.27
N ALA D 378 13.74 19.05 -13.23
CA ALA D 378 12.64 19.90 -12.75
C ALA D 378 12.85 20.30 -11.31
N LEU D 379 13.32 19.36 -10.47
CA LEU D 379 13.56 19.66 -9.07
C LEU D 379 14.63 20.73 -8.91
N VAL D 380 15.76 20.58 -9.62
CA VAL D 380 16.86 21.51 -9.41
C VAL D 380 16.54 22.88 -10.00
N THR D 381 15.83 22.93 -11.13
CA THR D 381 15.47 24.24 -11.66
C THR D 381 14.36 24.89 -10.88
N ASN D 382 13.48 24.11 -10.22
CA ASN D 382 12.49 24.72 -9.34
C ASN D 382 13.13 25.24 -8.07
N ALA D 383 14.10 24.51 -7.53
CA ALA D 383 14.85 25.01 -6.38
C ALA D 383 15.61 26.28 -6.74
N TRP D 384 16.20 26.33 -7.94
CA TRP D 384 16.93 27.52 -8.34
C TRP D 384 16.00 28.70 -8.63
N VAL D 385 14.83 28.45 -9.24
CA VAL D 385 13.93 29.56 -9.48
C VAL D 385 13.36 30.08 -8.17
N PHE D 386 13.17 29.21 -7.18
CA PHE D 386 12.76 29.66 -5.86
C PHE D 386 13.85 30.51 -5.21
N LEU D 387 15.08 29.99 -5.18
CA LEU D 387 16.16 30.71 -4.52
C LEU D 387 16.54 31.99 -5.24
N LEU D 388 16.34 32.07 -6.55
CA LEU D 388 16.79 33.20 -7.35
C LEU D 388 15.69 34.18 -7.66
N LEU D 389 14.58 33.73 -8.24
CA LEU D 389 13.55 34.65 -8.70
C LEU D 389 12.59 35.05 -7.58
N TYR D 390 12.68 34.41 -6.42
CA TYR D 390 11.97 34.82 -5.22
C TYR D 390 12.86 35.41 -4.14
N ILE D 391 13.86 34.65 -3.67
CA ILE D 391 14.54 35.06 -2.46
C ILE D 391 15.47 36.24 -2.71
N VAL D 392 16.15 36.26 -3.86
CA VAL D 392 16.98 37.43 -4.20
C VAL D 392 16.16 38.71 -4.35
N PRO D 393 15.07 38.75 -5.13
CA PRO D 393 14.26 39.97 -5.14
C PRO D 393 13.61 40.29 -3.81
N GLU D 394 13.23 39.27 -3.03
CA GLU D 394 12.68 39.54 -1.70
C GLU D 394 13.72 40.20 -0.81
N LEU D 395 14.97 39.73 -0.86
CA LEU D 395 16.06 40.40 -0.17
C LEU D 395 16.41 41.74 -0.79
N CYS D 396 16.02 41.97 -2.05
CA CYS D 396 16.23 43.26 -2.70
C CYS D 396 15.24 44.31 -2.21
N ILE D 397 13.99 43.93 -1.97
CA ILE D 397 13.02 44.88 -1.44
C ILE D 397 12.97 44.87 0.08
N LEU D 398 13.67 43.95 0.72
CA LEU D 398 13.84 43.96 2.17
C LEU D 398 15.33 44.06 2.45
N TYR D 399 15.98 45.00 1.78
CA TYR D 399 17.44 45.07 1.69
C TYR D 399 18.08 45.31 3.06
N ARG D 400 19.41 45.16 3.07
CA ARG D 400 20.23 45.45 4.24
C ARG D 400 20.79 46.86 4.11
N SER D 401 20.66 47.63 5.19
CA SER D 401 21.09 49.02 5.18
C SER D 401 22.31 49.22 6.08
#